data_7MRK
#
_entry.id   7MRK
#
_cell.length_a   128.450
_cell.length_b   65.510
_cell.length_c   158.294
_cell.angle_alpha   90.000
_cell.angle_beta   92.919
_cell.angle_gamma   90.000
#
_symmetry.space_group_name_H-M   'I 1 2 1'
#
loop_
_entity.id
_entity.type
_entity.pdbx_description
1 polymer 'Amyloid-beta A4 protein'
2 polymer Contactin-4
3 non-polymer DI(HYDROXYETHYL)ETHER
4 water water
#
loop_
_entity_poly.entity_id
_entity_poly.type
_entity_poly.pdbx_seq_one_letter_code
_entity_poly.pdbx_strand_id
1 'polypeptide(L)'
;GPGSEVPADGNAGLLAEPQIAMFCGKLNMHMNVQNGKWESDPSGTKTCIDTKEGILQYCQEVYPELQITNVVEANQPVTI
QNWCKRGWKQCNGHPHIVVPYRCLVGEFVSDALLVPDKCKLLHQERMDVCETHLHWHTVAKESCSEKSMNLHDYGMLLPC
GIDKFRGVEFVCCPLAEESDNLDS
;
A,C
2 'polypeptide(L)'
;GSTGSPPGPPEDVTIDEITDTTAQLSWRPGADNHSPITMYVVQARTPFSVGWQAVSTVPEVIDGKTFTATVVGLNPWVEY
EFRVVAANLIGIGEPSRPSENRRTEEALPEVTPANVSGGGGSKSELVITWETVPEELQNGGGFGYVVAFRPFGTISWMQT
VVASPDASRYVFRNESLPPFSPYEVKVGVYNNKGEGSFSPVTVVYSAEEEPTRAPITVLARSLSATDIEISWAPPRENQH
KGRIQGYEVRCWRHDEKEENARKIRTVGNQTSAKVTNLQGNALYHLAVKAYNTAGTGPSSAMVNVTTKK
;
B,D
#
# COMPACT_ATOMS: atom_id res chain seq x y z
N ALA A 16 5.41 -42.10 -32.08
CA ALA A 16 5.75 -41.18 -31.00
C ALA A 16 5.16 -39.79 -31.26
N GLU A 17 5.80 -39.03 -32.14
CA GLU A 17 5.28 -37.70 -32.40
C GLU A 17 4.58 -37.65 -33.75
N PRO A 18 3.45 -36.94 -33.86
CA PRO A 18 2.72 -36.90 -35.13
C PRO A 18 3.55 -36.27 -36.23
N GLN A 19 3.60 -36.95 -37.38
CA GLN A 19 4.41 -36.47 -38.49
C GLN A 19 4.05 -37.25 -39.74
N ILE A 20 4.25 -36.63 -40.89
CA ILE A 20 4.00 -37.25 -42.17
C ILE A 20 5.29 -37.21 -42.96
N ALA A 21 5.44 -38.17 -43.87
CA ALA A 21 6.61 -38.26 -44.71
C ALA A 21 6.19 -38.57 -46.13
N MET A 22 6.81 -37.90 -47.10
CA MET A 22 6.42 -38.01 -48.49
C MET A 22 7.64 -38.31 -49.35
N PHE A 23 7.41 -39.08 -50.42
CA PHE A 23 8.40 -39.26 -51.48
C PHE A 23 7.61 -39.37 -52.78
N CYS A 24 7.80 -38.38 -53.67
CA CYS A 24 6.96 -38.27 -54.85
C CYS A 24 7.04 -39.54 -55.68
N GLY A 25 5.86 -40.08 -56.01
CA GLY A 25 5.72 -41.36 -56.67
C GLY A 25 5.20 -42.45 -55.76
N LYS A 26 5.23 -42.24 -54.45
CA LYS A 26 4.78 -43.21 -53.47
C LYS A 26 3.64 -42.61 -52.65
N LEU A 27 2.93 -43.48 -51.93
CA LEU A 27 1.92 -43.01 -50.99
C LEU A 27 2.57 -42.40 -49.76
N ASN A 28 1.92 -41.37 -49.23
CA ASN A 28 2.41 -40.68 -48.04
C ASN A 28 2.42 -41.61 -46.84
N MET A 29 3.40 -41.40 -45.97
CA MET A 29 3.53 -42.14 -44.73
C MET A 29 3.24 -41.22 -43.55
N HIS A 30 2.77 -41.79 -42.45
CA HIS A 30 2.56 -41.03 -41.22
C HIS A 30 2.92 -41.90 -40.03
N MET A 31 3.27 -41.24 -38.94
CA MET A 31 3.72 -41.92 -37.73
C MET A 31 2.51 -42.33 -36.90
N ASN A 32 2.37 -43.63 -36.66
CA ASN A 32 1.37 -44.13 -35.74
C ASN A 32 1.88 -43.90 -34.33
N VAL A 33 1.28 -42.93 -33.63
CA VAL A 33 1.75 -42.56 -32.30
C VAL A 33 1.52 -43.68 -31.28
N GLN A 34 0.56 -44.56 -31.51
CA GLN A 34 0.26 -45.60 -30.52
C GLN A 34 1.35 -46.66 -30.47
N ASN A 35 1.84 -47.11 -31.63
CA ASN A 35 2.84 -48.18 -31.69
C ASN A 35 4.19 -47.70 -32.21
N GLY A 36 4.32 -46.44 -32.60
CA GLY A 36 5.60 -45.91 -33.03
C GLY A 36 6.05 -46.32 -34.41
N LYS A 37 5.17 -46.87 -35.24
CA LYS A 37 5.53 -47.34 -36.56
C LYS A 37 5.02 -46.37 -37.63
N TRP A 38 5.78 -46.29 -38.73
CA TRP A 38 5.32 -45.56 -39.92
C TRP A 38 4.27 -46.38 -40.66
N GLU A 39 3.20 -45.72 -41.08
CA GLU A 39 2.11 -46.39 -41.77
C GLU A 39 1.72 -45.62 -43.03
N SER A 40 1.16 -46.35 -43.99
CA SER A 40 0.83 -45.80 -45.30
C SER A 40 -0.48 -45.01 -45.25
N ASP A 41 -0.74 -44.28 -46.34
CA ASP A 41 -1.90 -43.41 -46.42
C ASP A 41 -3.18 -44.19 -46.18
N PRO A 42 -4.07 -43.72 -45.30
CA PRO A 42 -5.29 -44.50 -45.01
C PRO A 42 -6.21 -44.65 -46.20
N SER A 43 -6.29 -43.64 -47.07
CA SER A 43 -7.12 -43.76 -48.27
C SER A 43 -6.43 -44.54 -49.38
N GLY A 44 -5.11 -44.71 -49.29
CA GLY A 44 -4.40 -45.43 -50.32
C GLY A 44 -4.31 -44.70 -51.65
N THR A 45 -4.44 -43.37 -51.64
CA THR A 45 -4.48 -42.61 -52.88
C THR A 45 -3.59 -41.37 -52.83
N LYS A 46 -3.32 -40.86 -51.63
CA LYS A 46 -2.65 -39.57 -51.47
C LYS A 46 -1.14 -39.74 -51.63
N THR A 47 -0.55 -39.00 -52.56
CA THR A 47 0.90 -38.96 -52.76
C THR A 47 1.44 -37.58 -52.36
N CYS A 48 2.67 -37.29 -52.77
CA CYS A 48 3.39 -36.13 -52.25
C CYS A 48 2.65 -34.83 -52.55
N ILE A 49 2.84 -33.84 -51.66
CA ILE A 49 2.07 -32.61 -51.65
C ILE A 49 3.01 -31.43 -51.90
N ASP A 50 2.52 -30.44 -52.66
CA ASP A 50 3.37 -29.37 -53.17
C ASP A 50 3.42 -28.14 -52.26
N THR A 51 2.37 -27.87 -51.50
CA THR A 51 2.32 -26.67 -50.68
C THR A 51 2.36 -27.03 -49.20
N LYS A 52 2.89 -26.10 -48.39
CA LYS A 52 2.86 -26.27 -46.95
C LYS A 52 1.42 -26.29 -46.43
N GLU A 53 0.51 -25.56 -47.09
CA GLU A 53 -0.88 -25.59 -46.67
C GLU A 53 -1.51 -26.96 -46.92
N GLY A 54 -1.18 -27.60 -48.04
CA GLY A 54 -1.66 -28.94 -48.28
C GLY A 54 -1.12 -29.96 -47.30
N ILE A 55 0.12 -29.75 -46.84
CA ILE A 55 0.69 -30.66 -45.86
C ILE A 55 -0.03 -30.50 -44.52
N LEU A 56 -0.36 -29.26 -44.14
CA LEU A 56 -1.17 -29.03 -42.95
C LEU A 56 -2.51 -29.76 -43.03
N GLN A 57 -3.17 -29.69 -44.20
CA GLN A 57 -4.46 -30.37 -44.34
C GLN A 57 -4.31 -31.88 -44.26
N TYR A 58 -3.22 -32.42 -44.82
CA TYR A 58 -3.02 -33.85 -44.75
C TYR A 58 -2.72 -34.29 -43.32
N CYS A 59 -1.88 -33.54 -42.60
CA CYS A 59 -1.67 -33.79 -41.17
C CYS A 59 -3.00 -33.90 -40.44
N GLN A 60 -3.90 -32.94 -40.69
CA GLN A 60 -5.18 -32.94 -39.99
C GLN A 60 -6.04 -34.13 -40.41
N GLU A 61 -5.90 -34.57 -41.67
CA GLU A 61 -6.69 -35.71 -42.15
C GLU A 61 -6.25 -37.02 -41.48
N VAL A 62 -4.94 -37.25 -41.36
CA VAL A 62 -4.46 -38.51 -40.82
C VAL A 62 -4.36 -38.52 -39.30
N TYR A 63 -4.48 -37.37 -38.65
CA TYR A 63 -4.60 -37.28 -37.19
C TYR A 63 -5.91 -36.59 -36.85
N PRO A 64 -7.05 -37.24 -37.11
CA PRO A 64 -8.34 -36.56 -36.95
C PRO A 64 -8.69 -36.21 -35.51
N GLU A 65 -8.06 -36.84 -34.53
CA GLU A 65 -8.33 -36.55 -33.13
C GLU A 65 -7.49 -35.40 -32.59
N LEU A 66 -6.48 -34.95 -33.33
CA LEU A 66 -5.53 -33.96 -32.84
C LEU A 66 -5.80 -32.59 -33.44
N GLN A 67 -5.47 -31.55 -32.68
CA GLN A 67 -5.68 -30.16 -33.07
C GLN A 67 -4.43 -29.68 -33.80
N ILE A 68 -4.34 -30.02 -35.09
CA ILE A 68 -3.17 -29.67 -35.89
C ILE A 68 -3.30 -28.23 -36.34
N THR A 69 -2.32 -27.41 -35.97
CA THR A 69 -2.37 -25.99 -36.26
C THR A 69 -1.24 -25.50 -37.14
N ASN A 70 -0.19 -26.29 -37.35
CA ASN A 70 0.94 -25.85 -38.15
C ASN A 70 1.77 -27.08 -38.49
N VAL A 71 2.77 -26.88 -39.35
CA VAL A 71 3.71 -27.94 -39.73
C VAL A 71 5.10 -27.33 -39.83
N VAL A 72 6.11 -28.18 -39.63
CA VAL A 72 7.51 -27.76 -39.78
C VAL A 72 8.33 -28.99 -40.15
N GLU A 73 9.36 -28.76 -40.96
CA GLU A 73 10.30 -29.83 -41.28
C GLU A 73 10.99 -30.34 -40.01
N ALA A 74 11.17 -31.66 -39.94
CA ALA A 74 12.04 -32.22 -38.92
C ALA A 74 13.49 -31.80 -39.19
N ASN A 75 14.31 -31.86 -38.13
CA ASN A 75 15.69 -31.42 -38.24
C ASN A 75 16.64 -32.49 -38.77
N GLN A 76 16.22 -33.75 -38.79
CA GLN A 76 17.10 -34.82 -39.24
C GLN A 76 16.27 -35.79 -40.07
N PRO A 77 16.84 -36.37 -41.12
CA PRO A 77 16.07 -37.30 -41.95
C PRO A 77 15.86 -38.62 -41.23
N VAL A 78 14.88 -39.37 -41.74
CA VAL A 78 14.57 -40.70 -41.22
C VAL A 78 14.56 -41.68 -42.38
N THR A 79 14.99 -42.90 -42.09
CA THR A 79 14.96 -43.97 -43.08
C THR A 79 13.67 -44.76 -42.89
N ILE A 80 12.81 -44.73 -43.89
CA ILE A 80 11.51 -45.39 -43.84
C ILE A 80 11.51 -46.51 -44.88
N GLN A 81 11.19 -47.72 -44.43
CA GLN A 81 11.02 -48.85 -45.32
C GLN A 81 9.55 -49.07 -45.61
N ASN A 82 9.28 -49.92 -46.60
CA ASN A 82 7.93 -50.35 -46.94
C ASN A 82 7.07 -49.19 -47.44
N TRP A 83 7.63 -48.40 -48.35
CA TRP A 83 6.84 -47.41 -49.07
C TRP A 83 5.95 -48.12 -50.10
N CYS A 84 4.73 -47.63 -50.25
CA CYS A 84 3.74 -48.25 -51.12
C CYS A 84 3.42 -47.37 -52.32
N LYS A 85 2.89 -47.99 -53.37
CA LYS A 85 2.28 -47.30 -54.48
C LYS A 85 0.77 -47.27 -54.29
N ARG A 86 0.06 -46.68 -55.25
CA ARG A 86 -1.38 -46.51 -55.12
C ARG A 86 -2.08 -47.85 -54.91
N GLY A 87 -2.99 -47.89 -53.95
CA GLY A 87 -3.70 -49.10 -53.62
C GLY A 87 -2.95 -50.06 -52.71
N TRP A 88 -1.97 -49.55 -51.96
CA TRP A 88 -1.14 -50.38 -51.08
C TRP A 88 -0.46 -51.52 -51.83
N LYS A 89 -0.11 -51.29 -53.08
CA LYS A 89 0.57 -52.28 -53.90
C LYS A 89 2.06 -51.95 -53.99
N GLN A 90 2.87 -52.99 -54.14
CA GLN A 90 4.33 -52.87 -54.22
C GLN A 90 4.89 -52.07 -53.04
N CYS A 91 4.64 -52.61 -51.84
CA CYS A 91 5.09 -51.97 -50.61
C CYS A 91 6.48 -52.43 -50.22
N PRO A 95 13.11 -48.65 -49.52
CA PRO A 95 13.58 -47.74 -48.49
C PRO A 95 13.89 -46.35 -49.04
N HIS A 96 13.59 -45.31 -48.28
CA HIS A 96 13.87 -43.95 -48.70
C HIS A 96 14.21 -43.12 -47.48
N ILE A 97 15.31 -42.36 -47.56
CA ILE A 97 15.72 -41.45 -46.50
C ILE A 97 15.12 -40.09 -46.82
N VAL A 98 14.14 -39.66 -46.02
CA VAL A 98 13.40 -38.44 -46.28
C VAL A 98 13.34 -37.61 -45.00
N VAL A 99 13.16 -36.31 -45.18
CA VAL A 99 12.92 -35.40 -44.08
C VAL A 99 11.41 -35.34 -43.85
N PRO A 100 10.90 -35.80 -42.72
CA PRO A 100 9.46 -35.75 -42.47
C PRO A 100 9.03 -34.34 -42.08
N TYR A 101 7.72 -34.14 -42.09
CA TYR A 101 7.09 -32.92 -41.59
C TYR A 101 6.41 -33.24 -40.27
N ARG A 102 6.73 -32.45 -39.25
CA ARG A 102 6.09 -32.59 -37.95
C ARG A 102 4.73 -31.90 -37.98
N CYS A 103 3.71 -32.60 -37.48
CA CYS A 103 2.36 -32.04 -37.40
C CYS A 103 2.20 -31.40 -36.02
N LEU A 104 2.31 -30.07 -35.97
CA LEU A 104 2.30 -29.37 -34.70
C LEU A 104 0.89 -29.23 -34.15
N VAL A 105 0.76 -29.36 -32.83
CA VAL A 105 -0.53 -29.51 -32.16
C VAL A 105 -0.83 -28.26 -31.34
N GLY A 106 -2.05 -27.75 -31.48
CA GLY A 106 -2.60 -26.70 -30.64
C GLY A 106 -1.77 -25.42 -30.65
N GLU A 107 -1.77 -24.74 -29.51
CA GLU A 107 -0.95 -23.55 -29.34
C GLU A 107 0.52 -23.90 -29.55
N PHE A 108 1.25 -23.00 -30.20
CA PHE A 108 2.64 -23.29 -30.50
C PHE A 108 3.46 -23.44 -29.22
N VAL A 109 4.17 -24.56 -29.12
CA VAL A 109 5.07 -24.83 -28.01
C VAL A 109 6.48 -24.92 -28.57
N SER A 110 7.38 -24.07 -28.07
CA SER A 110 8.77 -24.13 -28.50
C SER A 110 9.40 -25.46 -28.07
N ASP A 111 10.32 -25.96 -28.90
CA ASP A 111 11.00 -27.20 -28.59
C ASP A 111 11.96 -27.04 -27.43
N ALA A 112 12.10 -28.11 -26.64
CA ALA A 112 13.14 -28.17 -25.62
C ALA A 112 14.42 -28.72 -26.25
N LEU A 113 15.53 -28.02 -26.05
CA LEU A 113 16.79 -28.34 -26.68
C LEU A 113 17.78 -28.83 -25.64
N LEU A 114 18.54 -29.87 -25.99
CA LEU A 114 19.58 -30.36 -25.09
C LEU A 114 20.76 -29.41 -25.11
N VAL A 115 21.15 -28.96 -23.92
CA VAL A 115 22.32 -28.09 -23.76
C VAL A 115 23.35 -28.82 -22.91
N PRO A 116 24.27 -29.57 -23.51
CA PRO A 116 25.28 -30.27 -22.71
C PRO A 116 26.21 -29.29 -22.04
N ASP A 117 26.95 -29.80 -21.06
CA ASP A 117 27.95 -28.99 -20.39
C ASP A 117 28.91 -28.39 -21.40
N LYS A 118 29.20 -27.10 -21.22
CA LYS A 118 30.07 -26.25 -22.04
C LYS A 118 29.38 -25.74 -23.30
N CYS A 119 28.14 -26.14 -23.57
CA CYS A 119 27.41 -25.62 -24.71
C CYS A 119 26.54 -24.45 -24.28
N LYS A 120 26.05 -23.70 -25.28
CA LYS A 120 25.32 -22.46 -25.04
C LYS A 120 24.02 -22.45 -25.83
N LEU A 121 22.95 -22.01 -25.17
CA LEU A 121 21.68 -21.74 -25.83
C LEU A 121 21.70 -20.31 -26.38
N LEU A 122 21.50 -20.18 -27.69
CA LEU A 122 21.33 -18.88 -28.32
C LEU A 122 19.95 -18.80 -28.95
N HIS A 123 19.48 -17.59 -29.18
CA HIS A 123 18.17 -17.43 -29.82
C HIS A 123 18.09 -16.05 -30.43
N GLN A 124 17.23 -15.93 -31.43
CA GLN A 124 17.08 -14.72 -32.21
C GLN A 124 15.62 -14.57 -32.56
N GLU A 125 15.06 -13.39 -32.32
CA GLU A 125 13.67 -13.09 -32.67
C GLU A 125 13.63 -11.78 -33.43
N ARG A 126 13.00 -11.78 -34.61
CA ARG A 126 12.94 -10.61 -35.48
C ARG A 126 11.51 -10.37 -35.91
N MET A 127 10.88 -9.33 -35.36
CA MET A 127 9.47 -9.07 -35.63
C MET A 127 9.20 -8.67 -37.07
N ASP A 128 10.22 -8.22 -37.80
CA ASP A 128 10.05 -7.76 -39.18
C ASP A 128 10.38 -8.85 -40.19
N VAL A 129 10.67 -10.07 -39.75
CA VAL A 129 11.11 -11.15 -40.62
C VAL A 129 10.16 -12.32 -40.48
N CYS A 130 9.69 -12.86 -41.61
CA CYS A 130 8.90 -14.09 -41.64
C CYS A 130 9.57 -15.04 -42.63
N GLU A 131 10.20 -16.10 -42.13
CA GLU A 131 11.12 -16.88 -42.94
C GLU A 131 10.90 -18.37 -42.74
N THR A 132 11.61 -19.15 -43.54
CA THR A 132 11.45 -20.59 -43.61
C THR A 132 12.32 -21.30 -42.58
N HIS A 133 12.02 -22.58 -42.38
CA HIS A 133 12.87 -23.45 -41.57
C HIS A 133 14.30 -23.48 -42.08
N LEU A 134 14.47 -23.54 -43.41
CA LEU A 134 15.83 -23.59 -43.97
C LEU A 134 16.59 -22.31 -43.66
N HIS A 135 15.93 -21.16 -43.78
CA HIS A 135 16.56 -19.89 -43.44
C HIS A 135 17.06 -19.88 -42.00
N TRP A 136 16.20 -20.27 -41.05
CA TRP A 136 16.59 -20.22 -39.65
C TRP A 136 17.67 -21.26 -39.32
N HIS A 137 17.63 -22.43 -39.96
CA HIS A 137 18.71 -23.38 -39.79
C HIS A 137 20.04 -22.77 -40.22
N THR A 138 20.05 -22.09 -41.36
CA THR A 138 21.25 -21.42 -41.84
C THR A 138 21.71 -20.34 -40.86
N VAL A 139 20.76 -19.55 -40.34
CA VAL A 139 21.12 -18.53 -39.36
C VAL A 139 21.82 -19.16 -38.17
N ALA A 140 21.24 -20.22 -37.61
CA ALA A 140 21.81 -20.87 -36.43
C ALA A 140 23.17 -21.48 -36.74
N LYS A 141 23.28 -22.18 -37.87
CA LYS A 141 24.54 -22.81 -38.24
C LYS A 141 25.65 -21.78 -38.40
N GLU A 142 25.36 -20.69 -39.12
CA GLU A 142 26.37 -19.65 -39.32
C GLU A 142 26.72 -18.96 -38.01
N SER A 143 25.72 -18.76 -37.13
CA SER A 143 25.98 -18.10 -35.86
C SER A 143 26.96 -18.92 -35.01
N CYS A 144 26.73 -20.24 -34.91
CA CYS A 144 27.67 -21.07 -34.16
C CYS A 144 29.04 -21.08 -34.83
N SER A 145 29.08 -21.19 -36.16
CA SER A 145 30.36 -21.25 -36.87
C SER A 145 31.18 -19.99 -36.64
N GLU A 146 30.55 -18.82 -36.70
CA GLU A 146 31.28 -17.57 -36.49
C GLU A 146 31.86 -17.48 -35.08
N LYS A 147 31.39 -18.32 -34.16
CA LYS A 147 31.92 -18.38 -32.81
C LYS A 147 32.91 -19.53 -32.63
N SER A 148 33.33 -20.14 -33.75
CA SER A 148 34.22 -21.30 -33.71
C SER A 148 33.58 -22.44 -32.92
N MET A 149 32.29 -22.64 -33.13
CA MET A 149 31.54 -23.69 -32.47
C MET A 149 30.71 -24.43 -33.50
N ASN A 150 30.03 -25.49 -33.05
CA ASN A 150 29.19 -26.32 -33.90
C ASN A 150 27.75 -26.24 -33.45
N LEU A 151 26.85 -26.19 -34.43
CA LEU A 151 25.42 -26.23 -34.15
C LEU A 151 24.98 -27.65 -33.82
N HIS A 152 24.27 -27.82 -32.69
CA HIS A 152 23.68 -29.09 -32.33
C HIS A 152 22.18 -28.96 -32.50
N ASP A 153 21.40 -28.84 -31.44
CA ASP A 153 19.95 -28.78 -31.57
C ASP A 153 19.50 -27.37 -31.96
N TYR A 154 18.35 -27.30 -32.63
CA TYR A 154 17.72 -26.01 -32.89
C TYR A 154 16.23 -26.23 -33.07
N GLY A 155 15.47 -25.14 -32.91
CA GLY A 155 14.04 -25.17 -33.09
C GLY A 155 13.54 -23.81 -33.52
N MET A 156 12.32 -23.79 -34.06
CA MET A 156 11.74 -22.55 -34.54
C MET A 156 11.11 -21.76 -33.39
N LEU A 157 10.96 -20.46 -33.59
CA LEU A 157 10.25 -19.59 -32.67
C LEU A 157 9.25 -18.73 -33.43
N LEU A 158 8.15 -18.42 -32.75
CA LEU A 158 7.22 -17.37 -33.17
C LEU A 158 6.68 -17.60 -34.58
N PRO A 159 5.74 -18.52 -34.76
CA PRO A 159 5.17 -18.74 -36.10
C PRO A 159 4.44 -17.50 -36.61
N CYS A 160 4.65 -17.20 -37.90
CA CYS A 160 3.97 -16.11 -38.58
C CYS A 160 3.20 -16.61 -39.80
N GLY A 161 3.12 -17.92 -39.98
CA GLY A 161 2.42 -18.50 -41.10
C GLY A 161 2.57 -20.00 -41.05
N ILE A 162 2.10 -20.67 -42.11
CA ILE A 162 2.23 -22.13 -42.18
C ILE A 162 3.68 -22.44 -42.51
N ASP A 163 4.39 -23.05 -41.56
CA ASP A 163 5.82 -23.36 -41.71
C ASP A 163 6.63 -22.10 -41.99
N LYS A 164 6.23 -20.98 -41.40
CA LYS A 164 6.97 -19.72 -41.45
C LYS A 164 7.12 -19.20 -40.04
N PHE A 165 8.28 -18.61 -39.74
CA PHE A 165 8.63 -18.29 -38.36
C PHE A 165 9.43 -16.99 -38.31
N ARG A 166 9.38 -16.34 -37.15
CA ARG A 166 10.07 -15.08 -36.92
C ARG A 166 11.34 -15.24 -36.08
N GLY A 167 11.70 -16.45 -35.69
CA GLY A 167 12.91 -16.59 -34.89
C GLY A 167 13.36 -18.02 -34.76
N VAL A 168 14.48 -18.20 -34.07
CA VAL A 168 15.11 -19.51 -33.90
C VAL A 168 15.78 -19.58 -32.53
N GLU A 169 15.75 -20.76 -31.94
CA GLU A 169 16.53 -21.08 -30.74
C GLU A 169 17.50 -22.20 -31.12
N PHE A 170 18.72 -22.15 -30.61
CA PHE A 170 19.70 -23.15 -31.05
C PHE A 170 20.82 -23.28 -30.04
N VAL A 171 21.51 -24.41 -30.11
CA VAL A 171 22.56 -24.76 -29.17
C VAL A 171 23.88 -24.83 -29.92
N CYS A 172 24.87 -24.07 -29.45
CA CYS A 172 26.22 -24.11 -29.98
C CYS A 172 27.12 -24.88 -29.01
N CYS A 173 27.98 -25.74 -29.54
CA CYS A 173 28.85 -26.57 -28.72
C CYS A 173 30.29 -26.44 -29.16
N PRO A 174 31.24 -26.58 -28.24
CA PRO A 174 32.65 -26.57 -28.61
C PRO A 174 32.98 -27.68 -29.60
N LEU A 175 34.07 -27.48 -30.33
CA LEU A 175 34.53 -28.46 -31.32
C LEU A 175 35.06 -29.71 -30.64
N GLY B 4 3.63 36.57 4.32
CA GLY B 4 4.37 35.46 3.72
C GLY B 4 3.61 34.15 3.68
N SER B 5 3.95 33.30 2.71
CA SER B 5 3.26 32.03 2.53
C SER B 5 4.19 31.08 1.79
N PRO B 6 3.85 29.79 1.74
CA PRO B 6 4.68 28.83 0.99
C PRO B 6 4.81 29.24 -0.46
N PRO B 7 5.86 28.78 -1.15
CA PRO B 7 6.11 29.24 -2.51
C PRO B 7 5.05 28.78 -3.50
N GLY B 8 4.95 29.53 -4.61
CA GLY B 8 4.14 29.12 -5.72
C GLY B 8 4.80 27.98 -6.49
N PRO B 9 4.13 27.50 -7.52
CA PRO B 9 4.65 26.36 -8.29
C PRO B 9 5.89 26.76 -9.07
N PRO B 10 6.96 25.96 -9.04
CA PRO B 10 8.04 26.16 -10.01
C PRO B 10 7.50 26.04 -11.43
N GLU B 11 8.28 26.50 -12.40
CA GLU B 11 7.79 26.63 -13.77
C GLU B 11 8.72 25.97 -14.76
N ASP B 12 8.14 25.54 -15.88
CA ASP B 12 8.88 25.07 -17.07
C ASP B 12 9.80 23.90 -16.77
N VAL B 13 9.26 22.90 -16.08
CA VAL B 13 10.03 21.69 -15.81
C VAL B 13 10.25 20.95 -17.12
N THR B 14 11.51 20.68 -17.45
CA THR B 14 11.86 20.00 -18.70
C THR B 14 12.80 18.85 -18.42
N ILE B 15 12.62 17.76 -19.15
CA ILE B 15 13.58 16.66 -19.19
C ILE B 15 14.58 16.99 -20.29
N ASP B 16 15.79 17.40 -19.90
CA ASP B 16 16.81 17.76 -20.87
C ASP B 16 17.40 16.53 -21.55
N GLU B 17 17.72 15.51 -20.76
CA GLU B 17 18.24 14.25 -21.27
C GLU B 17 17.76 13.14 -20.35
N ILE B 18 17.67 11.93 -20.89
CA ILE B 18 17.23 10.78 -20.12
C ILE B 18 18.05 9.56 -20.56
N THR B 19 18.49 8.76 -19.57
CA THR B 19 19.20 7.52 -19.88
C THR B 19 18.39 6.33 -19.42
N ASP B 20 19.04 5.20 -19.12
CA ASP B 20 18.30 4.06 -18.58
C ASP B 20 17.94 4.25 -17.11
N THR B 21 18.77 4.95 -16.33
CA THR B 21 18.54 5.09 -14.90
C THR B 21 18.58 6.53 -14.41
N THR B 22 18.86 7.51 -15.28
CA THR B 22 19.01 8.89 -14.84
C THR B 22 18.32 9.82 -15.84
N ALA B 23 18.05 11.03 -15.38
CA ALA B 23 17.49 12.08 -16.21
C ALA B 23 17.99 13.42 -15.72
N GLN B 24 18.31 14.31 -16.64
CA GLN B 24 18.67 15.68 -16.31
C GLN B 24 17.43 16.55 -16.41
N LEU B 25 17.10 17.22 -15.31
CA LEU B 25 15.93 18.09 -15.21
C LEU B 25 16.35 19.54 -15.06
N SER B 26 15.53 20.44 -15.59
CA SER B 26 15.70 21.88 -15.47
C SER B 26 14.34 22.52 -15.21
N TRP B 27 14.36 23.65 -14.51
CA TRP B 27 13.13 24.37 -14.19
C TRP B 27 13.48 25.82 -13.92
N ARG B 28 12.44 26.63 -13.70
CA ARG B 28 12.57 28.05 -13.38
C ARG B 28 11.77 28.35 -12.13
N PRO B 29 12.18 29.37 -11.35
CA PRO B 29 11.49 29.64 -10.09
C PRO B 29 10.13 30.28 -10.31
N GLY B 30 9.17 29.89 -9.47
CA GLY B 30 7.93 30.62 -9.31
C GLY B 30 8.07 31.67 -8.23
N ALA B 31 6.93 32.19 -7.79
CA ALA B 31 6.95 33.19 -6.71
C ALA B 31 7.37 32.54 -5.40
N ASP B 32 8.17 33.27 -4.62
CA ASP B 32 8.54 32.78 -3.30
C ASP B 32 7.60 33.27 -2.21
N ASN B 33 6.73 34.23 -2.53
CA ASN B 33 5.70 34.73 -1.61
C ASN B 33 6.32 35.29 -0.34
N HIS B 34 7.39 36.07 -0.51
CA HIS B 34 7.99 36.89 0.54
C HIS B 34 8.70 36.07 1.62
N SER B 35 9.18 34.88 1.25
CA SER B 35 10.07 34.08 2.08
C SER B 35 11.01 33.33 1.14
N PRO B 36 12.33 33.46 1.32
CA PRO B 36 13.26 32.96 0.31
C PRO B 36 13.16 31.45 0.13
N ILE B 37 13.14 31.03 -1.14
CA ILE B 37 13.13 29.60 -1.44
C ILE B 37 14.49 29.02 -1.08
N THR B 38 14.50 28.04 -0.18
CA THR B 38 15.73 27.45 0.29
C THR B 38 15.97 26.03 -0.21
N MET B 39 14.98 25.40 -0.83
CA MET B 39 15.13 24.02 -1.25
C MET B 39 14.18 23.73 -2.41
N TYR B 40 14.63 22.90 -3.34
CA TYR B 40 13.79 22.28 -4.35
C TYR B 40 13.86 20.77 -4.17
N VAL B 41 12.70 20.12 -4.34
CA VAL B 41 12.61 18.67 -4.32
C VAL B 41 11.95 18.22 -5.61
N VAL B 42 12.31 17.02 -6.06
CA VAL B 42 11.80 16.45 -7.30
C VAL B 42 10.94 15.24 -6.95
N GLN B 43 9.81 15.11 -7.62
CA GLN B 43 8.98 13.92 -7.53
C GLN B 43 8.79 13.34 -8.92
N ALA B 44 8.46 12.05 -8.96
CA ALA B 44 8.24 11.35 -10.21
C ALA B 44 6.97 10.54 -10.13
N ARG B 45 6.41 10.25 -11.30
CA ARG B 45 5.23 9.41 -11.40
C ARG B 45 5.39 8.48 -12.60
N THR B 46 5.00 7.23 -12.40
CA THR B 46 5.00 6.20 -13.43
C THR B 46 3.59 5.64 -13.54
N PRO B 47 3.31 4.77 -14.53
CA PRO B 47 2.02 4.07 -14.53
C PRO B 47 1.84 3.12 -13.36
N PHE B 48 2.88 2.85 -12.57
CA PHE B 48 2.82 1.84 -11.53
C PHE B 48 2.97 2.40 -10.11
N SER B 49 3.27 3.68 -9.97
CA SER B 49 3.44 4.25 -8.64
C SER B 49 2.08 4.62 -8.05
N VAL B 50 2.05 4.68 -6.71
CA VAL B 50 0.89 5.20 -6.00
C VAL B 50 1.01 6.71 -6.02
N GLY B 51 0.42 7.35 -7.03
CA GLY B 51 0.54 8.78 -7.22
C GLY B 51 2.00 9.23 -7.38
N TRP B 52 2.29 10.42 -6.87
CA TRP B 52 3.62 11.00 -6.98
C TRP B 52 4.54 10.52 -5.86
N GLN B 53 5.83 10.37 -6.17
CA GLN B 53 6.79 9.81 -5.23
C GLN B 53 8.11 10.57 -5.32
N ALA B 54 8.76 10.76 -4.17
CA ALA B 54 10.07 11.40 -4.14
C ALA B 54 11.10 10.57 -4.89
N VAL B 55 12.08 11.25 -5.49
CA VAL B 55 13.18 10.57 -6.18
C VAL B 55 14.51 11.15 -5.69
N SER B 56 15.55 10.33 -5.78
CA SER B 56 16.90 10.76 -5.40
C SER B 56 17.49 11.63 -6.50
N THR B 57 18.30 12.61 -6.09
CA THR B 57 18.88 13.56 -7.02
C THR B 57 20.35 13.79 -6.69
N VAL B 58 21.09 14.24 -7.69
CA VAL B 58 22.42 14.81 -7.54
C VAL B 58 22.32 16.26 -7.98
N PRO B 59 22.55 17.24 -7.08
CA PRO B 59 22.95 17.05 -5.68
C PRO B 59 21.84 16.43 -4.82
N GLU B 60 22.21 15.86 -3.67
CA GLU B 60 21.23 15.23 -2.81
C GLU B 60 20.19 16.24 -2.32
N VAL B 61 20.64 17.43 -1.94
CA VAL B 61 19.76 18.51 -1.52
C VAL B 61 19.95 19.66 -2.50
N ILE B 62 18.89 20.02 -3.21
CA ILE B 62 18.93 21.09 -4.19
C ILE B 62 18.55 22.38 -3.47
N ASP B 63 19.48 23.34 -3.42
CA ASP B 63 19.16 24.59 -2.73
C ASP B 63 18.31 25.47 -3.63
N GLY B 64 17.89 26.62 -3.08
CA GLY B 64 17.06 27.57 -3.80
C GLY B 64 17.76 28.35 -4.89
N LYS B 65 19.09 28.19 -5.02
CA LYS B 65 19.86 28.86 -6.06
C LYS B 65 20.23 27.93 -7.20
N THR B 66 19.65 26.74 -7.24
CA THR B 66 19.97 25.73 -8.24
C THR B 66 18.71 25.41 -9.04
N PHE B 67 18.84 25.39 -10.37
CA PHE B 67 17.69 25.20 -11.24
C PHE B 67 17.88 24.07 -12.23
N THR B 68 18.84 23.18 -11.96
CA THR B 68 18.96 21.96 -12.72
C THR B 68 19.52 20.89 -11.79
N ALA B 69 19.19 19.64 -12.08
CA ALA B 69 19.67 18.53 -11.26
C ALA B 69 19.51 17.25 -12.05
N THR B 70 20.28 16.25 -11.63
CA THR B 70 20.21 14.91 -12.21
C THR B 70 19.40 14.04 -11.27
N VAL B 71 18.34 13.44 -11.80
CA VAL B 71 17.57 12.43 -11.08
C VAL B 71 18.24 11.09 -11.33
N VAL B 72 18.38 10.27 -10.28
CA VAL B 72 19.09 9.00 -10.37
C VAL B 72 18.22 7.88 -9.80
N GLY B 73 18.63 6.65 -10.07
CA GLY B 73 17.92 5.50 -9.53
C GLY B 73 16.62 5.19 -10.23
N LEU B 74 16.44 5.67 -11.46
CA LEU B 74 15.25 5.42 -12.24
C LEU B 74 15.23 3.98 -12.75
N ASN B 75 14.02 3.50 -13.05
CA ASN B 75 13.76 2.16 -13.57
C ASN B 75 13.86 2.16 -15.09
N PRO B 76 14.72 1.32 -15.68
CA PRO B 76 14.83 1.30 -17.14
C PRO B 76 13.53 0.92 -17.82
N TRP B 77 13.30 1.49 -19.00
CA TRP B 77 12.15 1.18 -19.86
C TRP B 77 10.84 1.38 -19.11
N VAL B 78 10.70 2.56 -18.53
CA VAL B 78 9.51 2.95 -17.77
C VAL B 78 9.16 4.39 -18.14
N GLU B 79 7.87 4.64 -18.34
CA GLU B 79 7.41 5.99 -18.68
C GLU B 79 7.41 6.86 -17.44
N TYR B 80 8.18 7.95 -17.47
CA TYR B 80 8.33 8.84 -16.33
C TYR B 80 7.78 10.23 -16.64
N GLU B 81 7.16 10.85 -15.63
CA GLU B 81 6.95 12.29 -15.59
C GLU B 81 7.49 12.79 -14.27
N PHE B 82 7.98 14.03 -14.27
CA PHE B 82 8.58 14.61 -13.07
C PHE B 82 7.91 15.94 -12.77
N ARG B 83 7.96 16.33 -11.50
CA ARG B 83 7.55 17.66 -11.08
C ARG B 83 8.50 18.14 -10.00
N VAL B 84 8.55 19.45 -9.84
CA VAL B 84 9.46 20.10 -8.90
C VAL B 84 8.65 20.92 -7.91
N VAL B 85 9.02 20.86 -6.64
CA VAL B 85 8.33 21.56 -5.56
C VAL B 85 9.34 22.41 -4.80
N ALA B 86 8.98 23.66 -4.54
CA ALA B 86 9.82 24.56 -3.77
C ALA B 86 9.37 24.61 -2.31
N ALA B 87 10.30 24.99 -1.43
CA ALA B 87 10.00 25.17 -0.03
C ALA B 87 10.68 26.42 0.49
N ASN B 88 10.01 27.13 1.39
CA ASN B 88 10.64 28.23 2.09
C ASN B 88 10.42 28.07 3.59
N LEU B 89 10.76 29.11 4.35
CA LEU B 89 10.62 29.01 5.80
C LEU B 89 9.16 28.80 6.23
N ILE B 90 8.20 29.26 5.42
CA ILE B 90 6.80 29.11 5.78
C ILE B 90 6.30 27.69 5.54
N GLY B 91 6.81 27.02 4.51
CA GLY B 91 6.43 25.63 4.27
C GLY B 91 6.75 25.20 2.86
N ILE B 92 6.41 23.94 2.59
CA ILE B 92 6.55 23.38 1.25
C ILE B 92 5.48 23.97 0.34
N GLY B 93 5.88 24.32 -0.88
CA GLY B 93 5.00 25.04 -1.79
C GLY B 93 4.14 24.11 -2.63
N GLU B 94 3.47 24.71 -3.59
CA GLU B 94 2.61 23.96 -4.50
C GLU B 94 3.47 23.32 -5.59
N PRO B 95 3.19 22.07 -5.94
CA PRO B 95 4.00 21.40 -6.98
C PRO B 95 3.84 22.07 -8.34
N SER B 96 4.90 22.02 -9.12
CA SER B 96 4.85 22.45 -10.52
C SER B 96 3.89 21.57 -11.32
N ARG B 97 3.51 22.07 -12.49
CA ARG B 97 2.89 21.21 -13.48
C ARG B 97 3.91 20.14 -13.90
N PRO B 98 3.44 18.97 -14.31
CA PRO B 98 4.38 17.88 -14.62
C PRO B 98 5.16 18.14 -15.90
N SER B 99 6.33 17.52 -15.97
CA SER B 99 7.11 17.56 -17.20
C SER B 99 6.42 16.76 -18.30
N GLU B 100 6.99 16.85 -19.50
CA GLU B 100 6.68 15.91 -20.57
C GLU B 100 6.87 14.48 -20.08
N ASN B 101 6.12 13.56 -20.68
CA ASN B 101 6.31 12.13 -20.43
C ASN B 101 7.45 11.59 -21.28
N ARG B 102 8.41 10.92 -20.64
CA ARG B 102 9.55 10.31 -21.33
C ARG B 102 9.84 8.95 -20.71
N ARG B 103 10.15 7.98 -21.56
CA ARG B 103 10.51 6.64 -21.11
C ARG B 103 12.02 6.54 -20.96
N THR B 104 12.47 5.99 -19.84
CA THR B 104 13.89 5.70 -19.71
C THR B 104 14.32 4.70 -20.77
N GLU B 105 15.62 4.71 -21.06
CA GLU B 105 16.19 3.79 -22.04
C GLU B 105 16.17 2.35 -21.52
N GLU B 106 16.31 1.41 -22.46
CA GLU B 106 16.31 -0.01 -22.12
C GLU B 106 17.60 -0.40 -21.41
N ALA B 107 17.56 -1.54 -20.72
CA ALA B 107 18.72 -2.10 -20.05
C ALA B 107 18.53 -3.60 -19.91
N LEU B 108 19.62 -4.28 -19.56
CA LEU B 108 19.54 -5.69 -19.28
C LEU B 108 18.50 -5.94 -18.17
N PRO B 109 17.72 -7.01 -18.27
CA PRO B 109 16.78 -7.32 -17.19
C PRO B 109 17.52 -7.83 -15.96
N GLU B 110 17.05 -7.42 -14.77
CA GLU B 110 17.72 -7.76 -13.53
C GLU B 110 16.92 -8.65 -12.60
N VAL B 111 15.60 -8.75 -12.76
CA VAL B 111 14.75 -9.52 -11.87
C VAL B 111 14.42 -10.85 -12.53
N THR B 112 14.63 -11.95 -11.81
CA THR B 112 14.26 -13.28 -12.27
C THR B 112 12.86 -13.62 -11.76
N PRO B 113 12.15 -14.54 -12.42
CA PRO B 113 10.76 -14.80 -12.03
C PRO B 113 10.66 -15.38 -10.63
N ALA B 114 9.62 -14.97 -9.91
CA ALA B 114 9.39 -15.42 -8.55
C ALA B 114 8.55 -16.69 -8.53
N ASN B 115 8.72 -17.48 -7.46
CA ASN B 115 7.93 -18.68 -7.20
C ASN B 115 7.96 -19.66 -8.38
N VAL B 116 9.16 -19.91 -8.90
CA VAL B 116 9.32 -20.97 -9.88
C VAL B 116 8.94 -22.29 -9.23
N SER B 117 7.99 -23.00 -9.83
CA SER B 117 7.51 -24.25 -9.26
C SER B 117 6.93 -25.10 -10.38
N GLY B 118 6.08 -26.05 -10.03
CA GLY B 118 5.44 -26.91 -11.00
C GLY B 118 4.86 -28.14 -10.33
N GLY B 119 4.45 -29.09 -11.16
CA GLY B 119 3.90 -30.34 -10.67
C GLY B 119 2.55 -30.68 -11.29
N GLY B 120 2.15 -31.95 -11.20
CA GLY B 120 0.89 -32.38 -11.74
C GLY B 120 0.91 -32.56 -13.25
N GLY B 121 -0.28 -32.55 -13.83
CA GLY B 121 -0.45 -32.68 -15.26
C GLY B 121 -0.95 -34.06 -15.67
N SER B 122 -1.04 -34.25 -16.99
CA SER B 122 -1.48 -35.51 -17.56
C SER B 122 -0.30 -36.48 -17.68
N LYS B 123 -0.60 -37.68 -18.17
CA LYS B 123 0.39 -38.76 -18.23
C LYS B 123 1.65 -38.32 -18.95
N SER B 124 2.79 -38.53 -18.28
CA SER B 124 4.13 -38.25 -18.84
C SER B 124 4.32 -36.77 -19.17
N GLU B 125 3.66 -35.88 -18.43
CA GLU B 125 3.86 -34.45 -18.57
C GLU B 125 4.73 -33.93 -17.44
N LEU B 126 5.56 -32.94 -17.75
CA LEU B 126 6.27 -32.15 -16.74
C LEU B 126 5.77 -30.72 -16.84
N VAL B 127 5.13 -30.26 -15.78
CA VAL B 127 4.53 -28.92 -15.74
C VAL B 127 5.42 -28.01 -14.93
N ILE B 128 5.79 -26.87 -15.52
CA ILE B 128 6.64 -25.87 -14.89
C ILE B 128 5.90 -24.54 -14.89
N THR B 129 5.89 -23.86 -13.75
CA THR B 129 5.16 -22.61 -13.60
C THR B 129 6.04 -21.57 -12.92
N TRP B 130 5.69 -20.30 -13.13
CA TRP B 130 6.37 -19.19 -12.49
C TRP B 130 5.44 -17.99 -12.53
N GLU B 131 5.78 -16.96 -11.77
CA GLU B 131 5.03 -15.71 -11.82
C GLU B 131 5.63 -14.82 -12.90
N THR B 132 4.78 -14.33 -13.80
CA THR B 132 5.24 -13.42 -14.85
C THR B 132 5.97 -12.25 -14.22
N VAL B 133 7.00 -11.78 -14.91
CA VAL B 133 7.73 -10.60 -14.45
C VAL B 133 6.94 -9.38 -14.89
N PRO B 134 6.55 -8.51 -13.96
CA PRO B 134 5.72 -7.36 -14.34
C PRO B 134 6.46 -6.45 -15.31
N GLU B 135 5.66 -5.64 -16.02
CA GLU B 135 6.21 -4.83 -17.10
C GLU B 135 7.29 -3.87 -16.60
N GLU B 136 7.12 -3.31 -15.40
CA GLU B 136 8.07 -2.33 -14.91
C GLU B 136 9.42 -2.93 -14.52
N LEU B 137 9.54 -4.26 -14.53
CA LEU B 137 10.80 -4.93 -14.23
C LEU B 137 11.37 -5.64 -15.45
N GLN B 138 10.73 -5.54 -16.61
CA GLN B 138 11.23 -6.18 -17.81
C GLN B 138 12.40 -5.42 -18.44
N ASN B 139 12.48 -4.10 -18.23
CA ASN B 139 13.64 -3.26 -18.56
C ASN B 139 13.87 -3.10 -20.06
N GLY B 140 12.98 -3.61 -20.90
CA GLY B 140 13.11 -3.42 -22.33
C GLY B 140 12.05 -4.19 -23.07
N GLY B 141 11.91 -3.85 -24.35
CA GLY B 141 11.05 -4.62 -25.21
C GLY B 141 11.66 -5.98 -25.52
N GLY B 142 10.86 -6.83 -26.16
CA GLY B 142 11.31 -8.15 -26.52
C GLY B 142 11.55 -9.08 -25.34
N PHE B 143 10.94 -8.79 -24.19
CA PHE B 143 11.16 -9.60 -22.99
C PHE B 143 10.61 -11.02 -23.19
N GLY B 144 11.36 -11.99 -22.69
CA GLY B 144 10.90 -13.36 -22.73
C GLY B 144 11.63 -14.18 -21.67
N TYR B 145 11.31 -15.47 -21.65
CA TYR B 145 11.85 -16.40 -20.65
C TYR B 145 12.61 -17.53 -21.32
N VAL B 146 13.56 -18.10 -20.58
CA VAL B 146 14.23 -19.33 -20.94
C VAL B 146 13.95 -20.32 -19.82
N VAL B 147 13.27 -21.42 -20.16
CA VAL B 147 12.90 -22.45 -19.19
C VAL B 147 13.90 -23.59 -19.31
N ALA B 148 14.51 -23.97 -18.19
CA ALA B 148 15.54 -25.00 -18.16
C ALA B 148 15.15 -26.10 -17.16
N PHE B 149 15.33 -27.36 -17.55
CA PHE B 149 15.01 -28.47 -16.67
C PHE B 149 15.90 -29.65 -17.02
N ARG B 150 16.13 -30.52 -16.02
CA ARG B 150 16.92 -31.72 -16.21
C ARG B 150 16.50 -32.75 -15.18
N PRO B 151 16.59 -34.04 -15.49
CA PRO B 151 16.35 -35.05 -14.46
C PRO B 151 17.30 -34.85 -13.29
N PHE B 152 16.76 -34.95 -12.08
CA PHE B 152 17.54 -34.68 -10.89
C PHE B 152 18.78 -35.56 -10.85
N GLY B 153 19.94 -34.94 -10.61
CA GLY B 153 21.20 -35.65 -10.52
C GLY B 153 21.99 -35.74 -11.81
N THR B 154 21.47 -35.19 -12.91
CA THR B 154 22.19 -35.20 -14.18
C THR B 154 22.82 -33.84 -14.44
N ILE B 155 23.55 -33.74 -15.55
CA ILE B 155 24.34 -32.54 -15.83
C ILE B 155 23.69 -31.71 -16.92
N SER B 156 23.48 -32.33 -18.09
CA SER B 156 22.96 -31.60 -19.24
C SER B 156 21.59 -31.01 -18.94
N TRP B 157 21.40 -29.76 -19.37
CA TRP B 157 20.14 -29.05 -19.22
C TRP B 157 19.31 -29.18 -20.49
N MET B 158 18.00 -29.30 -20.30
CA MET B 158 17.03 -29.11 -21.37
C MET B 158 16.53 -27.68 -21.28
N GLN B 159 16.64 -26.91 -22.36
CA GLN B 159 16.26 -25.50 -22.33
C GLN B 159 15.37 -25.16 -23.51
N THR B 160 14.46 -24.20 -23.28
CA THR B 160 13.54 -23.75 -24.31
C THR B 160 13.26 -22.27 -24.11
N VAL B 161 13.03 -21.57 -25.22
CA VAL B 161 12.78 -20.13 -25.21
C VAL B 161 11.28 -19.91 -25.24
N VAL B 162 10.75 -19.22 -24.23
CA VAL B 162 9.34 -18.87 -24.15
C VAL B 162 9.24 -17.37 -24.44
N ALA B 163 8.86 -17.02 -25.66
CA ALA B 163 9.07 -15.66 -26.15
C ALA B 163 7.99 -14.67 -25.71
N SER B 164 6.96 -15.10 -25.00
CA SER B 164 5.94 -14.14 -24.60
C SER B 164 6.21 -13.62 -23.20
N PRO B 165 6.24 -12.30 -23.00
CA PRO B 165 6.46 -11.77 -21.63
C PRO B 165 5.34 -12.12 -20.66
N ASP B 166 4.14 -12.41 -21.15
CA ASP B 166 3.00 -12.74 -20.30
C ASP B 166 2.95 -14.21 -19.94
N ALA B 167 3.91 -15.01 -20.35
CA ALA B 167 3.88 -16.44 -20.07
C ALA B 167 4.19 -16.72 -18.60
N SER B 168 3.58 -17.77 -18.07
CA SER B 168 3.80 -18.18 -16.69
C SER B 168 3.84 -19.69 -16.54
N ARG B 169 4.00 -20.43 -17.63
CA ARG B 169 3.78 -21.87 -17.60
C ARG B 169 4.40 -22.49 -18.85
N TYR B 170 5.04 -23.64 -18.67
CA TYR B 170 5.57 -24.43 -19.77
C TYR B 170 5.34 -25.89 -19.45
N VAL B 171 4.86 -26.65 -20.44
CA VAL B 171 4.58 -28.06 -20.28
C VAL B 171 5.44 -28.84 -21.26
N PHE B 172 6.30 -29.72 -20.73
CA PHE B 172 7.16 -30.58 -21.53
C PHE B 172 6.46 -31.93 -21.70
N ARG B 173 5.94 -32.18 -22.89
CA ARG B 173 5.22 -33.42 -23.20
C ARG B 173 6.16 -34.39 -23.89
N ASN B 174 6.35 -35.56 -23.29
CA ASN B 174 7.21 -36.59 -23.85
C ASN B 174 6.73 -37.95 -23.36
N GLU B 175 6.59 -38.90 -24.29
CA GLU B 175 6.03 -40.20 -23.91
C GLU B 175 7.00 -41.04 -23.10
N SER B 176 8.31 -40.83 -23.29
CA SER B 176 9.31 -41.60 -22.57
C SER B 176 9.67 -41.00 -21.21
N LEU B 177 9.09 -39.85 -20.86
CA LEU B 177 9.40 -39.22 -19.58
C LEU B 177 8.77 -40.03 -18.47
N PRO B 178 9.53 -40.36 -17.41
CA PRO B 178 9.05 -41.32 -16.41
C PRO B 178 8.05 -40.69 -15.47
N PRO B 179 7.28 -41.49 -14.72
CA PRO B 179 6.19 -40.94 -13.90
C PRO B 179 6.66 -40.48 -12.53
N PHE B 180 6.17 -39.30 -12.14
CA PHE B 180 6.47 -38.68 -10.84
C PHE B 180 7.96 -38.75 -10.52
N SER B 181 8.78 -38.27 -11.46
CA SER B 181 10.22 -38.29 -11.31
C SER B 181 10.75 -36.88 -11.08
N PRO B 182 11.82 -36.74 -10.31
CA PRO B 182 12.28 -35.39 -9.91
C PRO B 182 13.09 -34.70 -11.01
N TYR B 183 12.80 -33.41 -11.19
CA TYR B 183 13.51 -32.57 -12.14
C TYR B 183 14.01 -31.32 -11.44
N GLU B 184 15.25 -30.95 -11.72
CA GLU B 184 15.74 -29.62 -11.38
C GLU B 184 15.23 -28.63 -12.42
N VAL B 185 14.70 -27.50 -11.96
CA VAL B 185 14.06 -26.52 -12.83
C VAL B 185 14.53 -25.12 -12.45
N LYS B 186 14.75 -24.28 -13.46
CA LYS B 186 15.06 -22.88 -13.27
C LYS B 186 14.54 -22.11 -14.48
N VAL B 187 14.22 -20.83 -14.27
CA VAL B 187 13.67 -19.97 -15.32
C VAL B 187 14.47 -18.68 -15.38
N GLY B 188 14.93 -18.32 -16.57
CA GLY B 188 15.69 -17.11 -16.80
C GLY B 188 14.93 -16.11 -17.64
N VAL B 189 15.56 -14.96 -17.85
CA VAL B 189 14.93 -13.85 -18.56
C VAL B 189 15.91 -13.23 -19.56
N TYR B 190 15.35 -12.53 -20.54
CA TYR B 190 16.11 -11.80 -21.52
C TYR B 190 15.21 -10.70 -22.08
N ASN B 191 15.82 -9.75 -22.77
CA ASN B 191 15.07 -8.76 -23.54
C ASN B 191 15.94 -8.30 -24.69
N ASN B 192 15.53 -7.22 -25.37
CA ASN B 192 16.23 -6.79 -26.57
C ASN B 192 17.66 -6.37 -26.27
N LYS B 193 17.94 -5.93 -25.03
CA LYS B 193 19.31 -5.58 -24.69
C LYS B 193 20.18 -6.79 -24.45
N GLY B 194 19.60 -7.94 -24.09
CA GLY B 194 20.38 -9.15 -23.97
C GLY B 194 19.90 -10.02 -22.83
N GLU B 195 20.76 -10.97 -22.47
CA GLU B 195 20.40 -12.03 -21.55
C GLU B 195 20.48 -11.56 -20.10
N GLY B 196 19.48 -11.93 -19.32
CA GLY B 196 19.47 -11.78 -17.87
C GLY B 196 19.96 -13.05 -17.19
N SER B 197 19.55 -13.23 -15.94
CA SER B 197 19.99 -14.35 -15.13
C SER B 197 18.89 -15.40 -14.99
N PHE B 198 19.29 -16.58 -14.49
CA PHE B 198 18.36 -17.63 -14.14
C PHE B 198 17.92 -17.49 -12.68
N SER B 199 16.69 -17.91 -12.41
CA SER B 199 16.21 -18.02 -11.04
C SER B 199 17.02 -19.07 -10.29
N PRO B 200 16.87 -19.17 -8.97
CA PRO B 200 17.42 -20.31 -8.25
C PRO B 200 16.80 -21.61 -8.76
N VAL B 201 17.54 -22.69 -8.60
CA VAL B 201 17.05 -24.02 -8.98
C VAL B 201 16.07 -24.51 -7.93
N THR B 202 14.98 -25.12 -8.39
CA THR B 202 14.02 -25.79 -7.52
C THR B 202 13.70 -27.16 -8.11
N VAL B 203 13.10 -28.02 -7.29
CA VAL B 203 12.82 -29.39 -7.66
C VAL B 203 11.33 -29.54 -7.96
N VAL B 204 11.03 -30.06 -9.15
CA VAL B 204 9.65 -30.25 -9.61
C VAL B 204 9.48 -31.69 -10.08
N TYR B 205 8.36 -32.29 -9.72
CA TYR B 205 8.07 -33.67 -10.09
C TYR B 205 7.11 -33.72 -11.28
N SER B 206 7.34 -34.69 -12.15
CA SER B 206 6.44 -34.93 -13.27
C SER B 206 5.11 -35.50 -12.78
N ALA B 207 4.19 -35.67 -13.71
CA ALA B 207 2.88 -36.21 -13.38
C ALA B 207 2.96 -37.72 -13.16
N ALA C 16 -10.54 22.20 39.36
CA ALA C 16 -9.27 21.81 39.96
C ALA C 16 -8.13 21.99 38.96
N GLU C 17 -8.46 22.54 37.80
CA GLU C 17 -7.48 22.79 36.77
C GLU C 17 -6.72 24.08 37.06
N PRO C 18 -5.51 24.22 36.51
CA PRO C 18 -4.73 25.45 36.76
C PRO C 18 -5.46 26.68 36.24
N GLN C 19 -5.62 27.67 37.11
CA GLN C 19 -6.32 28.89 36.71
C GLN C 19 -5.97 30.02 37.68
N ILE C 20 -6.07 31.24 37.19
CA ILE C 20 -5.82 32.42 37.99
C ILE C 20 -7.08 33.28 37.98
N ALA C 21 -7.25 34.08 39.03
CA ALA C 21 -8.41 34.95 39.18
C ALA C 21 -7.96 36.30 39.69
N MET C 22 -8.55 37.37 39.15
CA MET C 22 -8.11 38.71 39.45
C MET C 22 -9.29 39.59 39.83
N PHE C 23 -9.04 40.55 40.72
CA PHE C 23 -9.99 41.62 41.01
C PHE C 23 -9.18 42.87 41.31
N CYS C 24 -9.26 43.86 40.43
CA CYS C 24 -8.38 45.03 40.52
C CYS C 24 -8.49 45.69 41.89
N GLY C 25 -7.35 45.87 42.54
CA GLY C 25 -7.26 46.32 43.91
C GLY C 25 -6.88 45.23 44.89
N LYS C 26 -6.97 43.98 44.48
CA LYS C 26 -6.64 42.84 45.32
C LYS C 26 -5.51 42.05 44.71
N LEU C 27 -4.84 41.25 45.54
CA LEU C 27 -3.83 40.32 45.03
C LEU C 27 -4.49 39.23 44.21
N ASN C 28 -3.79 38.79 43.16
CA ASN C 28 -4.30 37.74 42.29
C ASN C 28 -4.43 36.42 43.06
N MET C 29 -5.46 35.64 42.69
CA MET C 29 -5.68 34.31 43.22
C MET C 29 -5.37 33.28 42.15
N HIS C 30 -5.02 32.07 42.60
CA HIS C 30 -4.79 30.96 41.69
C HIS C 30 -5.25 29.67 42.36
N MET C 31 -5.52 28.66 41.54
CA MET C 31 -6.05 27.39 42.01
C MET C 31 -4.92 26.46 42.42
N ASN C 32 -4.89 26.07 43.69
CA ASN C 32 -4.01 25.02 44.16
C ASN C 32 -4.52 23.68 43.65
N VAL C 33 -3.87 23.13 42.62
CA VAL C 33 -4.33 21.88 42.02
C VAL C 33 -4.18 20.68 42.95
N GLN C 34 -3.44 20.82 44.05
CA GLN C 34 -3.27 19.69 44.98
C GLN C 34 -4.50 19.53 45.87
N ASN C 35 -5.01 20.61 46.44
CA ASN C 35 -6.15 20.55 47.35
C ASN C 35 -7.41 21.22 46.82
N GLY C 36 -7.35 21.83 45.63
CA GLY C 36 -8.54 22.37 45.02
C GLY C 36 -9.07 23.64 45.65
N LYS C 37 -8.23 24.38 46.38
CA LYS C 37 -8.64 25.63 46.99
C LYS C 37 -7.90 26.80 46.36
N TRP C 38 -8.53 27.97 46.39
CA TRP C 38 -7.93 29.18 45.86
C TRP C 38 -6.90 29.73 46.85
N GLU C 39 -5.81 30.27 46.31
CA GLU C 39 -4.73 30.80 47.13
C GLU C 39 -4.24 32.11 46.55
N SER C 40 -3.76 32.99 47.43
CA SER C 40 -3.34 34.33 47.02
C SER C 40 -1.95 34.29 46.37
N ASP C 41 -1.57 35.45 45.83
CA ASP C 41 -0.31 35.57 45.09
C ASP C 41 0.86 35.13 45.96
N PRO C 42 1.73 34.25 45.46
CA PRO C 42 2.85 33.77 46.29
C PRO C 42 3.81 34.87 46.71
N SER C 43 4.04 35.86 45.85
CA SER C 43 4.94 36.96 46.15
C SER C 43 4.25 38.09 46.92
N GLY C 44 2.93 38.05 47.06
CA GLY C 44 2.23 39.09 47.79
C GLY C 44 2.35 40.47 47.17
N THR C 45 2.54 40.54 45.85
CA THR C 45 2.77 41.82 45.19
C THR C 45 1.94 42.01 43.93
N LYS C 46 1.58 40.91 43.27
CA LYS C 46 0.97 40.95 41.95
C LYS C 46 -0.54 41.17 42.07
N THR C 47 -1.04 42.23 41.43
CA THR C 47 -2.46 42.52 41.34
C THR C 47 -2.92 42.35 39.89
N CYS C 48 -4.11 42.87 39.58
CA CYS C 48 -4.77 42.59 38.31
C CYS C 48 -3.92 43.05 37.13
N ILE C 49 -4.14 42.40 35.99
CA ILE C 49 -3.29 42.52 34.82
C ILE C 49 -4.13 42.98 33.63
N ASP C 50 -3.55 43.84 32.79
CA ASP C 50 -4.28 44.48 31.71
C ASP C 50 -4.33 43.68 30.41
N THR C 51 -3.28 42.93 30.10
CA THR C 51 -3.16 42.25 28.81
C THR C 51 -3.25 40.74 28.99
N LYS C 52 -3.79 40.08 27.96
CA LYS C 52 -3.83 38.62 27.96
C LYS C 52 -2.42 38.03 27.97
N GLU C 53 -1.47 38.71 27.34
CA GLU C 53 -0.09 38.25 27.37
C GLU C 53 0.49 38.31 28.79
N GLY C 54 0.09 39.33 29.55
CA GLY C 54 0.50 39.38 30.95
C GLY C 54 -0.17 38.32 31.80
N ILE C 55 -1.40 37.95 31.45
CA ILE C 55 -2.08 36.87 32.18
C ILE C 55 -1.37 35.55 31.91
N LEU C 56 -0.94 35.32 30.67
CA LEU C 56 -0.19 34.11 30.35
C LEU C 56 1.10 34.03 31.15
N GLN C 57 1.79 35.16 31.30
CA GLN C 57 3.06 35.16 32.03
C GLN C 57 2.81 34.92 33.52
N TYR C 58 1.72 35.46 34.07
CA TYR C 58 1.41 35.20 35.47
C TYR C 58 1.01 33.74 35.68
N CYS C 59 0.30 33.16 34.71
CA CYS C 59 0.05 31.71 34.75
C CYS C 59 1.35 30.94 34.86
N GLN C 60 2.34 31.28 34.01
CA GLN C 60 3.62 30.58 34.06
C GLN C 60 4.35 30.84 35.36
N GLU C 61 4.16 32.01 35.96
CA GLU C 61 4.84 32.33 37.20
C GLU C 61 4.32 31.49 38.35
N VAL C 62 2.99 31.40 38.51
CA VAL C 62 2.42 30.66 39.63
C VAL C 62 2.31 29.17 39.35
N TYR C 63 2.59 28.73 38.12
CA TYR C 63 2.70 27.31 37.79
C TYR C 63 4.05 27.09 37.10
N PRO C 64 5.15 27.21 37.83
CA PRO C 64 6.48 27.07 37.20
C PRO C 64 6.78 25.67 36.71
N GLU C 65 6.07 24.66 37.21
CA GLU C 65 6.30 23.27 36.80
C GLU C 65 5.58 22.90 35.51
N LEU C 66 4.65 23.73 35.04
CA LEU C 66 3.83 23.41 33.88
C LEU C 66 4.23 24.27 32.70
N GLN C 67 4.08 23.70 31.50
CA GLN C 67 4.31 24.43 30.25
C GLN C 67 2.99 25.10 29.86
N ILE C 68 2.77 26.30 30.38
CA ILE C 68 1.58 27.07 30.03
C ILE C 68 1.81 27.69 28.66
N THR C 69 0.91 27.40 27.73
CA THR C 69 1.03 27.89 26.37
C THR C 69 -0.05 28.89 25.97
N ASN C 70 -1.15 28.98 26.71
CA ASN C 70 -2.24 29.87 26.34
C ASN C 70 -3.16 30.05 27.55
N VAL C 71 -4.10 31.00 27.42
CA VAL C 71 -5.09 31.28 28.45
C VAL C 71 -6.43 31.51 27.77
N VAL C 72 -7.50 31.27 28.53
CA VAL C 72 -8.86 31.55 28.05
C VAL C 72 -9.75 31.78 29.27
N GLU C 73 -10.70 32.71 29.12
CA GLU C 73 -11.69 32.93 30.18
C GLU C 73 -12.48 31.65 30.43
N ALA C 74 -12.73 31.36 31.70
CA ALA C 74 -13.68 30.30 32.03
C ALA C 74 -15.08 30.73 31.61
N ASN C 75 -15.95 29.73 31.43
CA ASN C 75 -17.31 30.01 30.96
C ASN C 75 -18.25 30.44 32.08
N GLN C 76 -17.88 30.27 33.34
CA GLN C 76 -18.74 30.60 34.46
C GLN C 76 -17.93 31.31 35.54
N PRO C 77 -18.50 32.31 36.20
CA PRO C 77 -17.81 32.93 37.33
C PRO C 77 -17.78 32.00 38.54
N VAL C 78 -16.85 32.28 39.45
CA VAL C 78 -16.73 31.55 40.70
C VAL C 78 -16.70 32.54 41.85
N THR C 79 -17.21 32.10 43.00
CA THR C 79 -17.19 32.91 44.22
C THR C 79 -15.94 32.55 45.00
N ILE C 80 -15.03 33.51 45.13
CA ILE C 80 -13.75 33.30 45.79
C ILE C 80 -13.73 34.13 47.07
N GLN C 81 -13.53 33.46 48.20
CA GLN C 81 -13.39 34.14 49.47
C GLN C 81 -11.92 34.43 49.77
N ASN C 82 -11.71 35.35 50.72
CA ASN C 82 -10.38 35.64 51.27
C ASN C 82 -9.45 36.25 50.23
N TRP C 83 -9.90 37.34 49.61
CA TRP C 83 -9.02 38.14 48.76
C TRP C 83 -8.14 39.03 49.63
N CYS C 84 -6.86 39.12 49.25
CA CYS C 84 -5.88 39.86 50.02
C CYS C 84 -5.54 41.19 49.34
N LYS C 85 -4.97 42.09 50.14
CA LYS C 85 -4.40 43.34 49.66
C LYS C 85 -2.88 43.17 49.55
N ARG C 86 -2.21 44.20 49.02
CA ARG C 86 -0.76 44.13 48.84
C ARG C 86 -0.07 43.83 50.16
N GLY C 87 0.58 42.67 50.22
CA GLY C 87 1.21 42.20 51.44
C GLY C 87 0.38 41.29 52.29
N TRP C 88 -0.64 40.63 51.72
CA TRP C 88 -1.53 39.74 52.45
C TRP C 88 -2.20 40.45 53.62
N LYS C 89 -2.72 41.65 53.35
CA LYS C 89 -3.38 42.45 54.37
C LYS C 89 -4.90 42.35 54.24
N PRO C 95 -15.79 38.81 49.82
CA PRO C 95 -15.64 37.93 48.66
C PRO C 95 -15.99 38.62 47.35
N HIS C 96 -15.50 38.08 46.24
CA HIS C 96 -15.75 38.65 44.93
C HIS C 96 -16.04 37.54 43.94
N ILE C 97 -17.12 37.71 43.17
CA ILE C 97 -17.52 36.76 42.14
C ILE C 97 -16.86 37.20 40.84
N VAL C 98 -15.89 36.42 40.36
CA VAL C 98 -15.08 36.80 39.22
C VAL C 98 -15.01 35.66 38.21
N VAL C 99 -14.71 36.00 36.97
CA VAL C 99 -14.50 35.04 35.90
C VAL C 99 -13.00 34.72 35.86
N PRO C 100 -12.59 33.49 36.18
CA PRO C 100 -11.16 33.16 36.18
C PRO C 100 -10.64 32.94 34.77
N TYR C 101 -9.31 32.89 34.67
CA TYR C 101 -8.62 32.55 33.43
C TYR C 101 -7.99 31.18 33.60
N ARG C 102 -8.34 30.25 32.70
CA ARG C 102 -7.72 28.94 32.69
C ARG C 102 -6.34 29.03 32.08
N CYS C 103 -5.35 28.44 32.75
CA CYS C 103 -3.99 28.36 32.24
C CYS C 103 -3.87 27.07 31.43
N LEU C 104 -3.95 27.20 30.11
CA LEU C 104 -3.92 26.03 29.23
C LEU C 104 -2.50 25.50 29.09
N VAL C 105 -2.36 24.18 29.09
CA VAL C 105 -1.07 23.51 29.19
C VAL C 105 -0.77 22.80 27.88
N GLY C 106 0.45 23.00 27.37
CA GLY C 106 0.93 22.20 26.26
C GLY C 106 0.13 22.40 24.98
N GLU C 107 -0.02 21.32 24.22
CA GLU C 107 -0.79 21.36 22.99
C GLU C 107 -2.26 21.63 23.29
N PHE C 108 -2.89 22.45 22.45
CA PHE C 108 -4.29 22.77 22.66
C PHE C 108 -5.16 21.53 22.53
N VAL C 109 -5.98 21.28 23.54
CA VAL C 109 -6.93 20.17 23.55
C VAL C 109 -8.33 20.77 23.66
N SER C 110 -9.17 20.46 22.68
CA SER C 110 -10.55 20.94 22.70
C SER C 110 -11.29 20.37 23.91
N ASP C 111 -12.14 21.19 24.51
CA ASP C 111 -12.90 20.74 25.67
C ASP C 111 -13.92 19.68 25.26
N ALA C 112 -14.17 18.74 26.17
CA ALA C 112 -15.29 17.81 25.98
C ALA C 112 -16.54 18.44 26.58
N LEU C 113 -17.63 18.43 25.82
CA LEU C 113 -18.89 19.06 26.21
C LEU C 113 -19.95 18.00 26.48
N LEU C 114 -20.77 18.23 27.50
CA LEU C 114 -21.88 17.34 27.79
C LEU C 114 -23.01 17.56 26.78
N VAL C 115 -23.47 16.47 26.16
CA VAL C 115 -24.58 16.52 25.22
C VAL C 115 -25.70 15.63 25.75
N PRO C 116 -26.62 16.16 26.55
CA PRO C 116 -27.73 15.33 27.05
C PRO C 116 -28.66 14.92 25.93
N ASP C 117 -29.54 13.98 26.25
CA ASP C 117 -30.56 13.52 25.32
C ASP C 117 -31.38 14.71 24.80
N LYS C 118 -31.65 14.70 23.50
CA LYS C 118 -32.37 15.70 22.71
C LYS C 118 -31.53 16.94 22.44
N CYS C 119 -30.35 17.09 23.04
CA CYS C 119 -29.50 18.22 22.74
C CYS C 119 -28.61 17.91 21.53
N LYS C 120 -28.00 18.96 20.99
CA LYS C 120 -27.25 18.89 19.75
C LYS C 120 -25.89 19.58 19.90
N LEU C 121 -24.86 18.93 19.38
CA LEU C 121 -23.52 19.53 19.29
C LEU C 121 -23.39 20.28 17.96
N LEU C 122 -23.06 21.57 18.04
CA LEU C 122 -22.80 22.37 16.86
C LEU C 122 -21.39 22.95 16.95
N HIS C 123 -20.88 23.41 15.81
CA HIS C 123 -19.55 24.02 15.81
C HIS C 123 -19.35 24.82 14.54
N GLN C 124 -18.50 25.83 14.65
CA GLN C 124 -18.10 26.67 13.52
C GLN C 124 -16.59 26.83 13.53
N GLU C 125 -16.00 26.85 12.34
CA GLU C 125 -14.58 27.13 12.17
C GLU C 125 -14.42 28.08 11.00
N ARG C 126 -13.76 29.22 11.22
CA ARG C 126 -13.58 30.23 10.19
C ARG C 126 -12.10 30.61 10.16
N MET C 127 -11.39 30.13 9.13
CA MET C 127 -9.94 30.31 9.08
C MET C 127 -9.52 31.73 8.75
N ASP C 128 -10.46 32.60 8.34
CA ASP C 128 -10.17 33.99 8.08
C ASP C 128 -10.50 34.90 9.27
N VAL C 129 -10.87 34.31 10.41
CA VAL C 129 -11.34 35.06 11.57
C VAL C 129 -10.50 34.67 12.78
N CYS C 130 -10.06 35.67 13.53
CA CYS C 130 -9.35 35.46 14.79
C CYS C 130 -10.03 36.33 15.83
N GLU C 131 -10.80 35.71 16.74
CA GLU C 131 -11.72 36.46 17.57
C GLU C 131 -11.63 36.01 19.04
N THR C 132 -12.33 36.77 19.88
CA THR C 132 -12.27 36.63 21.33
C THR C 132 -13.23 35.56 21.83
N HIS C 133 -13.01 35.17 23.09
CA HIS C 133 -13.95 34.29 23.79
C HIS C 133 -15.35 34.89 23.81
N LEU C 134 -15.47 36.20 24.06
CA LEU C 134 -16.78 36.83 24.11
C LEU C 134 -17.48 36.72 22.76
N HIS C 135 -16.74 36.98 21.67
CA HIS C 135 -17.31 36.86 20.33
C HIS C 135 -17.86 35.47 20.08
N TRP C 136 -17.07 34.44 20.38
CA TRP C 136 -17.52 33.09 20.10
C TRP C 136 -18.65 32.65 21.03
N HIS C 137 -18.65 33.13 22.27
CA HIS C 137 -19.80 32.91 23.14
C HIS C 137 -21.06 33.50 22.52
N THR C 138 -20.95 34.72 22.00
CA THR C 138 -22.12 35.37 21.39
C THR C 138 -22.58 34.62 20.14
N VAL C 139 -21.63 34.13 19.34
CA VAL C 139 -22.00 33.34 18.16
C VAL C 139 -22.77 32.10 18.59
N ALA C 140 -22.27 31.39 19.60
CA ALA C 140 -22.90 30.15 20.04
C ALA C 140 -24.28 30.41 20.63
N LYS C 141 -24.40 31.44 21.48
CA LYS C 141 -25.69 31.76 22.07
C LYS C 141 -26.71 32.17 21.01
N GLU C 142 -26.30 33.00 20.05
CA GLU C 142 -27.25 33.43 19.02
C GLU C 142 -27.61 32.28 18.10
N SER C 143 -26.68 31.34 17.88
CA SER C 143 -26.96 30.20 17.03
C SER C 143 -28.04 29.30 17.64
N CYS C 144 -27.91 29.00 18.94
CA CYS C 144 -28.94 28.19 19.60
C CYS C 144 -30.28 28.92 19.65
N SER C 145 -30.26 30.22 19.95
CA SER C 145 -31.50 30.98 20.06
C SER C 145 -32.28 30.96 18.75
N GLU C 146 -31.59 31.14 17.62
CA GLU C 146 -32.29 31.16 16.34
C GLU C 146 -32.90 29.81 15.99
N LYS C 147 -32.49 28.75 16.67
CA LYS C 147 -33.11 27.44 16.51
C LYS C 147 -34.14 27.16 17.60
N SER C 148 -34.55 28.20 18.33
CA SER C 148 -35.50 28.05 19.45
C SER C 148 -34.96 27.06 20.48
N MET C 149 -33.67 27.17 20.78
CA MET C 149 -33.00 26.34 21.76
C MET C 149 -32.15 27.21 22.66
N ASN C 150 -31.58 26.61 23.70
CA ASN C 150 -30.74 27.30 24.68
C ASN C 150 -29.31 26.77 24.61
N LEU C 151 -28.35 27.68 24.76
CA LEU C 151 -26.94 27.30 24.80
C LEU C 151 -26.59 26.71 26.16
N HIS C 152 -25.94 25.55 26.14
CA HIS C 152 -25.39 25.02 27.39
C HIS C 152 -23.85 25.09 27.33
N ASP C 153 -23.18 23.94 27.32
CA ASP C 153 -21.73 23.94 27.29
C ASP C 153 -21.21 24.52 25.97
N TYR C 154 -20.05 25.16 26.04
CA TYR C 154 -19.36 25.57 24.83
C TYR C 154 -17.86 25.61 25.11
N GLY C 155 -17.09 25.63 24.03
CA GLY C 155 -15.64 25.67 24.13
C GLY C 155 -15.04 26.28 22.89
N MET C 156 -13.82 26.79 23.04
CA MET C 156 -13.10 27.40 21.93
C MET C 156 -12.49 26.33 21.03
N LEU C 157 -12.24 26.71 19.78
CA LEU C 157 -11.55 25.88 18.81
C LEU C 157 -10.48 26.69 18.11
N LEU C 158 -9.40 26.00 17.72
CA LEU C 158 -8.39 26.53 16.81
C LEU C 158 -7.77 27.84 17.30
N PRO C 159 -6.87 27.78 18.28
CA PRO C 159 -6.21 29.00 18.75
C PRO C 159 -5.44 29.68 17.62
N CYS C 160 -5.51 31.00 17.59
CA CYS C 160 -4.77 31.80 16.61
C CYS C 160 -4.01 32.91 17.30
N GLY C 161 -3.78 32.77 18.60
CA GLY C 161 -3.14 33.80 19.39
C GLY C 161 -3.42 33.57 20.86
N ILE C 162 -2.92 34.48 21.67
CA ILE C 162 -3.15 34.38 23.11
C ILE C 162 -4.59 34.76 23.39
N ASP C 163 -5.41 33.79 23.79
CA ASP C 163 -6.83 34.00 24.04
C ASP C 163 -7.56 34.48 22.79
N LYS C 164 -7.12 34.03 21.62
CA LYS C 164 -7.75 34.31 20.35
C LYS C 164 -7.98 33.00 19.62
N PHE C 165 -9.12 32.86 18.96
CA PHE C 165 -9.55 31.59 18.41
C PHE C 165 -10.28 31.79 17.09
N ARG C 166 -10.25 30.75 16.26
CA ARG C 166 -10.88 30.76 14.95
C ARG C 166 -12.21 30.00 14.92
N GLY C 167 -12.65 29.45 16.05
CA GLY C 167 -13.86 28.64 16.00
C GLY C 167 -14.43 28.37 17.37
N VAL C 168 -15.57 27.71 17.38
CA VAL C 168 -16.30 27.43 18.62
C VAL C 168 -17.05 26.11 18.46
N GLU C 169 -17.14 25.36 19.55
CA GLU C 169 -18.00 24.18 19.65
C GLU C 169 -19.01 24.44 20.75
N PHE C 170 -20.25 24.00 20.55
CA PHE C 170 -21.27 24.35 21.54
C PHE C 170 -22.45 23.40 21.45
N VAL C 171 -23.19 23.33 22.56
CA VAL C 171 -24.32 22.42 22.72
C VAL C 171 -25.59 23.24 22.85
N CYS C 172 -26.57 22.95 22.00
CA CYS C 172 -27.90 23.54 22.09
C CYS C 172 -28.87 22.50 22.63
N CYS C 173 -29.76 22.94 23.53
CA CYS C 173 -30.73 22.05 24.15
C CYS C 173 -32.14 22.62 24.00
N PRO C 174 -33.15 21.75 23.97
CA PRO C 174 -34.54 22.25 23.94
C PRO C 174 -34.87 23.07 25.18
N LEU C 175 -35.91 23.88 25.04
CA LEU C 175 -36.37 24.72 26.15
C LEU C 175 -37.05 23.88 27.22
N SER D 5 -4.08 -2.25 -37.83
CA SER D 5 -3.55 -2.14 -36.48
C SER D 5 -4.55 -1.45 -35.53
N PRO D 6 -4.36 -1.59 -34.22
CA PRO D 6 -5.25 -0.93 -33.26
C PRO D 6 -5.27 0.57 -33.49
N PRO D 7 -6.33 1.26 -33.04
CA PRO D 7 -6.45 2.69 -33.34
C PRO D 7 -5.39 3.53 -32.65
N GLY D 8 -5.12 4.70 -33.25
CA GLY D 8 -4.29 5.70 -32.63
C GLY D 8 -5.00 6.37 -31.47
N PRO D 9 -4.33 7.33 -30.85
CA PRO D 9 -4.91 8.01 -29.67
C PRO D 9 -6.05 8.92 -30.08
N PRO D 10 -7.17 8.88 -29.36
CA PRO D 10 -8.18 9.94 -29.53
C PRO D 10 -7.59 11.30 -29.19
N GLU D 11 -8.25 12.37 -29.64
CA GLU D 11 -7.70 13.71 -29.54
C GLU D 11 -8.65 14.66 -28.83
N ASP D 12 -8.07 15.74 -28.30
CA ASP D 12 -8.83 16.88 -27.77
C ASP D 12 -9.80 16.48 -26.67
N VAL D 13 -9.31 15.68 -25.72
CA VAL D 13 -10.14 15.30 -24.58
C VAL D 13 -10.32 16.52 -23.69
N THR D 14 -11.57 16.91 -23.46
CA THR D 14 -11.87 18.07 -22.63
C THR D 14 -12.87 17.69 -21.55
N ILE D 15 -12.75 18.34 -20.40
CA ILE D 15 -13.74 18.26 -19.34
C ILE D 15 -14.67 19.45 -19.54
N ASP D 16 -15.87 19.18 -20.05
CA ASP D 16 -16.81 20.26 -20.34
C ASP D 16 -17.43 20.81 -19.06
N GLU D 17 -17.83 19.92 -18.15
CA GLU D 17 -18.37 20.29 -16.86
C GLU D 17 -17.99 19.20 -15.87
N ILE D 18 -17.91 19.58 -14.60
CA ILE D 18 -17.59 18.64 -13.53
C ILE D 18 -18.46 18.97 -12.32
N THR D 19 -18.97 17.93 -11.66
CA THR D 19 -19.76 18.11 -10.45
C THR D 19 -19.05 17.46 -9.27
N ASP D 20 -19.80 17.04 -8.24
CA ASP D 20 -19.16 16.32 -7.14
C ASP D 20 -18.87 14.86 -7.49
N THR D 21 -19.70 14.24 -8.33
CA THR D 21 -19.50 12.83 -8.65
C THR D 21 -19.50 12.52 -10.14
N THR D 22 -19.69 13.52 -11.01
CA THR D 22 -19.79 13.29 -12.44
C THR D 22 -18.95 14.31 -13.19
N ALA D 23 -18.66 13.98 -14.45
CA ALA D 23 -17.96 14.90 -15.34
C ALA D 23 -18.40 14.59 -16.76
N GLN D 24 -18.68 15.65 -17.51
CA GLN D 24 -18.99 15.52 -18.93
C GLN D 24 -17.70 15.64 -19.72
N LEU D 25 -17.38 14.61 -20.51
CA LEU D 25 -16.19 14.57 -21.34
C LEU D 25 -16.56 14.62 -22.81
N SER D 26 -15.69 15.23 -23.61
CA SER D 26 -15.81 15.24 -25.06
C SER D 26 -14.44 14.96 -25.67
N TRP D 27 -14.43 14.41 -26.87
CA TRP D 27 -13.18 14.09 -27.56
C TRP D 27 -13.46 14.02 -29.05
N ARG D 28 -12.38 13.91 -29.82
CA ARG D 28 -12.40 13.79 -31.27
C ARG D 28 -11.70 12.51 -31.68
N PRO D 29 -12.13 11.89 -32.79
CA PRO D 29 -11.55 10.58 -33.15
C PRO D 29 -10.13 10.72 -33.67
N GLY D 30 -9.29 9.76 -33.28
CA GLY D 30 -8.00 9.58 -33.91
C GLY D 30 -8.11 8.66 -35.12
N ALA D 31 -6.94 8.33 -35.68
CA ALA D 31 -6.91 7.39 -36.79
C ALA D 31 -7.40 6.02 -36.32
N ASP D 32 -8.17 5.34 -37.18
CA ASP D 32 -8.61 3.99 -36.86
C ASP D 32 -7.68 2.92 -37.43
N ASN D 33 -6.73 3.33 -38.27
CA ASN D 33 -5.73 2.43 -38.83
C ASN D 33 -6.39 1.26 -39.56
N HIS D 34 -7.41 1.58 -40.36
CA HIS D 34 -8.03 0.68 -41.34
C HIS D 34 -8.84 -0.44 -40.70
N SER D 35 -9.34 -0.23 -39.49
CA SER D 35 -10.31 -1.13 -38.86
C SER D 35 -11.24 -0.21 -38.08
N PRO D 36 -12.56 -0.32 -38.27
CA PRO D 36 -13.47 0.70 -37.72
C PRO D 36 -13.48 0.69 -36.19
N ILE D 37 -13.45 1.89 -35.62
CA ILE D 37 -13.53 2.03 -34.17
C ILE D 37 -14.94 1.69 -33.74
N THR D 38 -15.08 0.68 -32.88
CA THR D 38 -16.38 0.24 -32.41
C THR D 38 -16.67 0.59 -30.95
N MET D 39 -15.67 1.06 -30.19
CA MET D 39 -15.89 1.31 -28.77
C MET D 39 -14.86 2.31 -28.26
N TYR D 40 -15.30 3.19 -27.36
CA TYR D 40 -14.43 4.06 -26.59
C TYR D 40 -14.55 3.70 -25.12
N VAL D 41 -13.45 3.76 -24.40
CA VAL D 41 -13.47 3.62 -22.94
C VAL D 41 -12.76 4.82 -22.34
N VAL D 42 -13.13 5.15 -21.11
CA VAL D 42 -12.58 6.29 -20.39
C VAL D 42 -11.80 5.77 -19.20
N GLN D 43 -10.61 6.31 -18.98
CA GLN D 43 -9.82 6.03 -17.79
C GLN D 43 -9.60 7.34 -17.04
N ALA D 44 -9.37 7.22 -15.73
CA ALA D 44 -9.16 8.37 -14.88
C ALA D 44 -7.93 8.15 -14.01
N ARG D 45 -7.32 9.25 -13.59
CA ARG D 45 -6.15 9.22 -12.74
C ARG D 45 -6.28 10.31 -11.68
N THR D 46 -6.03 9.94 -10.42
CA THR D 46 -6.03 10.86 -9.28
C THR D 46 -4.61 11.03 -8.76
N PRO D 47 -4.39 11.98 -7.83
CA PRO D 47 -3.06 12.09 -7.21
C PRO D 47 -2.69 10.86 -6.38
N PHE D 48 -3.64 9.97 -6.08
CA PHE D 48 -3.41 8.87 -5.16
C PHE D 48 -3.59 7.50 -5.78
N SER D 49 -4.01 7.42 -7.04
CA SER D 49 -4.28 6.12 -7.65
C SER D 49 -3.00 5.49 -8.19
N VAL D 50 -3.05 4.17 -8.37
CA VAL D 50 -1.94 3.45 -8.99
C VAL D 50 -2.19 3.51 -10.50
N GLY D 51 -1.63 4.53 -11.13
CA GLY D 51 -1.77 4.67 -12.57
C GLY D 51 -3.19 5.00 -12.97
N TRP D 52 -3.54 4.66 -14.20
CA TRP D 52 -4.86 4.94 -14.75
C TRP D 52 -5.83 3.80 -14.43
N GLN D 53 -7.08 4.18 -14.15
CA GLN D 53 -8.12 3.22 -13.76
C GLN D 53 -9.37 3.44 -14.61
N ALA D 54 -10.03 2.35 -14.96
CA ALA D 54 -11.28 2.46 -15.71
C ALA D 54 -12.36 3.12 -14.86
N VAL D 55 -13.26 3.85 -15.52
CA VAL D 55 -14.36 4.52 -14.85
C VAL D 55 -15.66 4.18 -15.58
N SER D 56 -16.76 4.22 -14.83
CA SER D 56 -18.07 3.98 -15.41
C SER D 56 -18.58 5.23 -16.12
N THR D 57 -19.43 5.01 -17.12
CA THR D 57 -19.91 6.10 -17.95
C THR D 57 -21.40 5.92 -18.24
N VAL D 58 -22.02 7.03 -18.63
CA VAL D 58 -23.33 7.05 -19.27
C VAL D 58 -23.13 7.68 -20.64
N PRO D 59 -23.40 6.97 -21.75
CA PRO D 59 -23.93 5.60 -21.82
C PRO D 59 -22.96 4.56 -21.26
N GLU D 60 -23.51 3.44 -20.81
CA GLU D 60 -22.70 2.40 -20.18
C GLU D 60 -21.63 1.88 -21.13
N VAL D 61 -21.97 1.72 -22.41
CA VAL D 61 -21.02 1.34 -23.45
C VAL D 61 -21.02 2.46 -24.48
N ILE D 62 -19.84 3.02 -24.74
CA ILE D 62 -19.68 4.11 -25.71
C ILE D 62 -19.24 3.50 -27.04
N ASP D 63 -20.08 3.61 -28.06
CA ASP D 63 -19.73 3.06 -29.36
C ASP D 63 -18.80 3.99 -30.12
N GLY D 64 -18.35 3.55 -31.29
CA GLY D 64 -17.41 4.31 -32.10
C GLY D 64 -17.98 5.54 -32.78
N LYS D 65 -19.29 5.76 -32.69
CA LYS D 65 -19.93 6.94 -33.28
C LYS D 65 -20.35 7.96 -32.24
N THR D 66 -19.87 7.83 -31.00
CA THR D 66 -20.20 8.75 -29.92
C THR D 66 -18.93 9.42 -29.43
N PHE D 67 -18.99 10.74 -29.24
CA PHE D 67 -17.79 11.51 -28.91
C PHE D 67 -17.99 12.37 -27.66
N THR D 68 -19.00 12.06 -26.86
CA THR D 68 -19.14 12.68 -25.56
C THR D 68 -19.81 11.67 -24.64
N ALA D 69 -19.50 11.78 -23.34
CA ALA D 69 -20.10 10.90 -22.36
C ALA D 69 -19.99 11.53 -20.98
N THR D 70 -20.83 11.06 -20.08
CA THR D 70 -20.78 11.48 -18.68
C THR D 70 -20.05 10.41 -17.89
N VAL D 71 -18.94 10.78 -17.26
CA VAL D 71 -18.28 9.90 -16.30
C VAL D 71 -19.03 9.99 -14.99
N VAL D 72 -19.32 8.85 -14.38
CA VAL D 72 -20.12 8.80 -13.16
C VAL D 72 -19.34 8.06 -12.08
N GLY D 73 -19.80 8.24 -10.85
CA GLY D 73 -19.19 7.55 -9.71
C GLY D 73 -17.86 8.10 -9.27
N LEU D 74 -17.57 9.37 -9.56
CA LEU D 74 -16.33 9.99 -9.13
C LEU D 74 -16.37 10.34 -7.65
N ASN D 75 -15.18 10.53 -7.06
CA ASN D 75 -15.22 10.89 -5.64
C ASN D 75 -15.15 12.41 -5.47
N PRO D 76 -15.97 12.95 -4.58
CA PRO D 76 -15.98 14.41 -4.38
C PRO D 76 -14.63 14.92 -3.87
N TRP D 77 -14.30 16.15 -4.28
CA TRP D 77 -13.11 16.86 -3.80
C TRP D 77 -11.84 16.06 -4.07
N VAL D 78 -11.69 15.61 -5.31
CA VAL D 78 -10.52 14.86 -5.76
C VAL D 78 -10.10 15.44 -7.10
N GLU D 79 -8.80 15.63 -7.30
CA GLU D 79 -8.31 16.17 -8.56
C GLU D 79 -8.20 15.05 -9.58
N TYR D 80 -8.92 15.19 -10.69
CA TYR D 80 -9.00 14.13 -11.69
C TYR D 80 -8.33 14.55 -12.99
N GLU D 81 -7.73 13.57 -13.64
CA GLU D 81 -7.37 13.61 -15.05
C GLU D 81 -8.11 12.48 -15.76
N PHE D 82 -8.49 12.72 -17.01
CA PHE D 82 -9.18 11.72 -17.81
C PHE D 82 -8.45 11.51 -19.12
N ARG D 83 -8.57 10.29 -19.64
CA ARG D 83 -8.11 9.99 -20.99
C ARG D 83 -9.08 9.00 -21.61
N VAL D 84 -9.08 8.96 -22.95
CA VAL D 84 -10.02 8.14 -23.70
C VAL D 84 -9.21 7.20 -24.58
N VAL D 85 -9.67 5.95 -24.66
CA VAL D 85 -9.01 4.92 -25.44
C VAL D 85 -10.02 4.35 -26.42
N ALA D 86 -9.61 4.22 -27.69
CA ALA D 86 -10.44 3.63 -28.73
C ALA D 86 -10.07 2.17 -28.94
N ALA D 87 -11.00 1.43 -29.54
CA ALA D 87 -10.75 0.03 -29.88
C ALA D 87 -11.42 -0.30 -31.21
N ASN D 88 -10.73 -1.10 -32.01
CA ASN D 88 -11.30 -1.70 -33.22
C ASN D 88 -11.17 -3.22 -33.12
N LEU D 89 -11.49 -3.92 -34.21
CA LEU D 89 -11.44 -5.38 -34.19
C LEU D 89 -10.02 -5.89 -33.98
N ILE D 90 -9.01 -5.10 -34.37
CA ILE D 90 -7.63 -5.55 -34.22
C ILE D 90 -7.15 -5.41 -32.77
N GLY D 91 -7.70 -4.48 -32.00
CA GLY D 91 -7.40 -4.44 -30.59
C GLY D 91 -7.66 -3.07 -29.98
N ILE D 92 -7.31 -2.97 -28.70
CA ILE D 92 -7.40 -1.71 -27.97
C ILE D 92 -6.28 -0.79 -28.43
N GLY D 93 -6.60 0.49 -28.58
CA GLY D 93 -5.67 1.45 -29.16
C GLY D 93 -4.77 2.12 -28.13
N GLU D 94 -4.03 3.10 -28.60
CA GLU D 94 -3.19 3.90 -27.74
C GLU D 94 -4.04 4.92 -26.99
N PRO D 95 -3.80 5.11 -25.70
CA PRO D 95 -4.60 6.07 -24.93
C PRO D 95 -4.34 7.50 -25.41
N SER D 96 -5.36 8.34 -25.29
CA SER D 96 -5.22 9.75 -25.61
C SER D 96 -4.26 10.42 -24.63
N ARG D 97 -3.82 11.62 -24.99
CA ARG D 97 -3.16 12.48 -24.02
C ARG D 97 -4.15 12.83 -22.91
N PRO D 98 -3.67 13.07 -21.69
CA PRO D 98 -4.59 13.35 -20.58
C PRO D 98 -5.35 14.66 -20.78
N SER D 99 -6.55 14.71 -20.20
CA SER D 99 -7.30 15.96 -20.15
C SER D 99 -6.61 16.93 -19.19
N GLU D 100 -7.12 18.15 -19.11
CA GLU D 100 -6.68 19.05 -18.06
C GLU D 100 -7.10 18.47 -16.71
N ASN D 101 -6.35 18.81 -15.68
CA ASN D 101 -6.69 18.36 -14.33
C ASN D 101 -7.78 19.25 -13.75
N ARG D 102 -8.86 18.63 -13.27
CA ARG D 102 -9.97 19.36 -12.67
C ARG D 102 -10.42 18.63 -11.41
N ARG D 103 -10.72 19.39 -10.36
CA ARG D 103 -11.14 18.82 -9.10
C ARG D 103 -12.66 18.71 -9.07
N THR D 104 -13.16 17.58 -8.59
CA THR D 104 -14.59 17.43 -8.39
C THR D 104 -15.05 18.36 -7.26
N GLU D 105 -16.33 18.70 -7.29
CA GLU D 105 -16.89 19.57 -6.27
C GLU D 105 -16.97 18.86 -4.91
N GLU D 106 -17.10 19.66 -3.86
CA GLU D 106 -17.22 19.14 -2.50
C GLU D 106 -18.59 18.50 -2.28
N ALA D 107 -18.63 17.59 -1.31
CA ALA D 107 -19.87 16.96 -0.88
C ALA D 107 -19.73 16.57 0.58
N LEU D 108 -20.84 16.17 1.18
CA LEU D 108 -20.81 15.67 2.55
C LEU D 108 -19.83 14.50 2.65
N PRO D 109 -19.14 14.36 3.77
CA PRO D 109 -18.27 13.18 3.93
C PRO D 109 -19.09 11.92 4.11
N GLU D 110 -18.62 10.83 3.51
CA GLU D 110 -19.32 9.55 3.51
C GLU D 110 -18.64 8.45 4.30
N VAL D 111 -17.33 8.54 4.52
CA VAL D 111 -16.57 7.48 5.17
C VAL D 111 -16.25 7.88 6.60
N THR D 112 -16.55 7.00 7.55
CA THR D 112 -16.22 7.19 8.96
C THR D 112 -14.86 6.59 9.27
N PRO D 113 -14.21 7.00 10.36
CA PRO D 113 -12.87 6.48 10.65
C PRO D 113 -12.87 4.98 10.90
N ALA D 114 -11.87 4.30 10.36
CA ALA D 114 -11.73 2.87 10.59
C ALA D 114 -10.98 2.60 11.89
N ASN D 115 -11.22 1.43 12.46
CA ASN D 115 -10.48 0.93 13.63
C ASN D 115 -10.54 1.90 14.80
N VAL D 116 -11.72 2.46 15.07
CA VAL D 116 -11.92 3.23 16.29
C VAL D 116 -11.63 2.33 17.48
N SER D 117 -10.69 2.76 18.33
CA SER D 117 -10.29 1.96 19.49
C SER D 117 -9.70 2.91 20.54
N GLY D 118 -8.92 2.35 21.45
CA GLY D 118 -8.35 3.14 22.53
C GLY D 118 -7.91 2.25 23.67
N GLY D 119 -7.64 2.89 24.82
CA GLY D 119 -7.18 2.18 26.00
C GLY D 119 -5.84 2.67 26.51
N GLY D 120 -5.51 2.33 27.77
CA GLY D 120 -4.24 2.73 28.34
C GLY D 120 -4.21 4.19 28.76
N GLY D 121 -3.00 4.69 28.97
CA GLY D 121 -2.78 6.07 29.35
C GLY D 121 -2.44 6.22 30.83
N SER D 122 -2.22 7.48 31.21
CA SER D 122 -1.88 7.82 32.58
C SER D 122 -3.14 7.94 33.44
N LYS D 123 -2.93 8.15 34.73
CA LYS D 123 -4.05 8.21 35.66
C LYS D 123 -5.06 9.26 35.25
N SER D 124 -6.35 8.92 35.38
CA SER D 124 -7.46 9.83 35.08
C SER D 124 -7.55 10.17 33.59
N GLU D 125 -7.08 9.28 32.72
CA GLU D 125 -7.16 9.49 31.28
C GLU D 125 -8.06 8.46 30.63
N LEU D 126 -8.76 8.90 29.58
CA LEU D 126 -9.42 8.02 28.63
C LEU D 126 -8.82 8.30 27.26
N VAL D 127 -8.17 7.29 26.68
CA VAL D 127 -7.45 7.45 25.42
C VAL D 127 -8.27 6.84 24.30
N ILE D 128 -8.56 7.63 23.26
CA ILE D 128 -9.35 7.21 22.12
C ILE D 128 -8.50 7.37 20.87
N THR D 129 -8.49 6.35 20.03
CA THR D 129 -7.71 6.37 18.80
C THR D 129 -8.57 5.92 17.63
N TRP D 130 -8.14 6.30 16.43
CA TRP D 130 -8.78 5.89 15.20
C TRP D 130 -7.78 6.08 14.08
N GLU D 131 -8.07 5.48 12.92
CA GLU D 131 -7.25 5.70 11.74
C GLU D 131 -7.71 6.98 11.03
N THR D 132 -6.76 7.86 10.74
CA THR D 132 -7.09 9.10 10.06
C THR D 132 -7.71 8.81 8.69
N VAL D 133 -8.64 9.66 8.29
CA VAL D 133 -9.37 9.50 7.03
C VAL D 133 -8.53 10.15 5.93
N PRO D 134 -8.13 9.40 4.90
CA PRO D 134 -7.26 9.97 3.85
C PRO D 134 -7.94 11.09 3.08
N GLU D 135 -7.11 11.91 2.42
CA GLU D 135 -7.60 13.12 1.77
C GLU D 135 -8.69 12.80 0.76
N GLU D 136 -8.50 11.75 -0.05
CA GLU D 136 -9.45 11.43 -1.09
C GLU D 136 -10.79 10.90 -0.55
N LEU D 137 -10.95 10.74 0.76
CA LEU D 137 -12.24 10.38 1.33
C LEU D 137 -12.79 11.47 2.24
N GLN D 138 -12.13 12.62 2.32
CA GLN D 138 -12.64 13.70 3.13
C GLN D 138 -13.76 14.48 2.44
N ASN D 139 -13.81 14.46 1.10
CA ASN D 139 -14.90 15.02 0.30
C ASN D 139 -15.03 16.53 0.39
N GLY D 140 -14.13 17.22 1.06
CA GLY D 140 -14.18 18.67 1.05
C GLY D 140 -13.18 19.25 2.01
N GLY D 141 -12.97 20.55 1.88
CA GLY D 141 -12.11 21.27 2.81
C GLY D 141 -12.72 21.35 4.19
N GLY D 142 -11.88 21.76 5.15
CA GLY D 142 -12.35 21.90 6.52
C GLY D 142 -12.77 20.59 7.17
N PHE D 143 -12.21 19.47 6.72
CA PHE D 143 -12.54 18.18 7.30
C PHE D 143 -12.07 18.10 8.75
N GLY D 144 -12.88 17.46 9.59
CA GLY D 144 -12.49 17.23 10.97
C GLY D 144 -13.28 16.09 11.57
N TYR D 145 -13.07 15.87 12.86
CA TYR D 145 -13.66 14.74 13.58
C TYR D 145 -14.47 15.23 14.76
N VAL D 146 -15.49 14.45 15.12
CA VAL D 146 -16.21 14.61 16.38
C VAL D 146 -16.03 13.32 17.16
N VAL D 147 -15.49 13.43 18.37
CA VAL D 147 -15.26 12.28 19.24
C VAL D 147 -16.31 12.29 20.34
N ALA D 148 -17.02 11.17 20.49
CA ALA D 148 -18.08 11.04 21.48
C ALA D 148 -17.80 9.84 22.37
N PHE D 149 -17.99 10.03 23.68
CA PHE D 149 -17.78 8.95 24.64
C PHE D 149 -18.71 9.15 25.82
N ARG D 150 -19.06 8.05 26.47
CA ARG D 150 -19.91 8.07 27.66
C ARG D 150 -19.68 6.77 28.42
N PRO D 151 -19.85 6.77 29.74
CA PRO D 151 -19.82 5.51 30.49
C PRO D 151 -20.86 4.55 29.94
N PHE D 152 -20.50 3.27 29.86
CA PHE D 152 -21.38 2.29 29.27
C PHE D 152 -22.72 2.23 29.99
N GLY D 153 -23.80 2.28 29.22
CA GLY D 153 -25.14 2.19 29.77
C GLY D 153 -25.77 3.52 30.14
N THR D 154 -25.02 4.61 30.13
CA THR D 154 -25.58 5.92 30.40
C THR D 154 -26.14 6.53 29.11
N ILE D 155 -26.78 7.69 29.25
CA ILE D 155 -27.50 8.28 28.12
C ILE D 155 -26.72 9.44 27.53
N SER D 156 -26.41 10.44 28.36
CA SER D 156 -25.71 11.63 27.86
C SER D 156 -24.35 11.26 27.27
N TRP D 157 -24.03 11.88 26.15
CA TRP D 157 -22.73 11.76 25.51
C TRP D 157 -21.84 12.94 25.91
N MET D 158 -20.55 12.67 26.07
CA MET D 158 -19.52 13.70 26.05
C MET D 158 -18.99 13.78 24.62
N GLN D 159 -18.89 14.99 24.06
CA GLN D 159 -18.46 15.13 22.69
C GLN D 159 -17.51 16.30 22.54
N THR D 160 -16.60 16.18 21.57
CA THR D 160 -15.61 17.21 21.35
C THR D 160 -15.28 17.26 19.87
N VAL D 161 -14.90 18.44 19.40
CA VAL D 161 -14.56 18.66 18.00
C VAL D 161 -13.04 18.63 17.88
N VAL D 162 -12.52 17.72 17.06
CA VAL D 162 -11.09 17.62 16.78
C VAL D 162 -10.91 18.13 15.35
N ALA D 163 -10.43 19.37 15.22
CA ALA D 163 -10.56 20.07 13.94
C ALA D 163 -9.45 19.77 12.95
N SER D 164 -8.49 18.92 13.30
CA SER D 164 -7.44 18.64 12.32
C SER D 164 -7.78 17.41 11.49
N PRO D 165 -7.70 17.48 10.16
CA PRO D 165 -7.97 16.27 9.36
C PRO D 165 -6.96 15.17 9.60
N ASP D 166 -5.76 15.51 10.03
CA ASP D 166 -4.69 14.54 10.25
C ASP D 166 -4.73 13.90 11.63
N ALA D 167 -5.66 14.31 12.49
CA ALA D 167 -5.71 13.77 13.84
C ALA D 167 -6.11 12.31 13.84
N SER D 168 -5.65 11.58 14.86
CA SER D 168 -5.96 10.17 14.99
C SER D 168 -6.09 9.73 16.45
N ARG D 169 -6.23 10.68 17.37
CA ARG D 169 -6.10 10.40 18.79
C ARG D 169 -6.74 11.53 19.57
N TYR D 170 -7.39 11.19 20.68
CA TYR D 170 -7.93 12.18 21.62
C TYR D 170 -7.83 11.60 23.02
N VAL D 171 -7.32 12.40 23.94
CA VAL D 171 -7.15 11.99 25.33
C VAL D 171 -8.06 12.88 26.18
N PHE D 172 -9.02 12.26 26.85
CA PHE D 172 -9.87 12.96 27.82
C PHE D 172 -9.26 12.80 29.20
N ARG D 173 -8.93 13.92 29.84
CA ARG D 173 -8.33 13.92 31.17
C ARG D 173 -9.32 14.53 32.15
N ASN D 174 -9.66 13.79 33.20
CA ASN D 174 -10.57 14.28 34.21
C ASN D 174 -10.34 13.50 35.50
N GLU D 175 -10.21 14.23 36.61
CA GLU D 175 -9.88 13.59 37.88
C GLU D 175 -10.99 12.66 38.35
N SER D 176 -12.24 13.00 38.07
CA SER D 176 -13.36 12.16 38.49
C SER D 176 -13.48 10.87 37.69
N LEU D 177 -12.70 10.72 36.63
CA LEU D 177 -12.75 9.53 35.79
C LEU D 177 -12.40 8.28 36.60
N PRO D 178 -13.31 7.32 36.74
CA PRO D 178 -12.97 6.10 37.49
C PRO D 178 -12.01 5.24 36.70
N PRO D 179 -11.16 4.46 37.38
CA PRO D 179 -10.10 3.73 36.68
C PRO D 179 -10.61 2.46 36.02
N PHE D 180 -10.08 2.19 34.82
CA PHE D 180 -10.39 1.01 34.01
C PHE D 180 -11.90 0.73 34.00
N SER D 181 -12.64 1.69 33.46
CA SER D 181 -14.08 1.56 33.33
C SER D 181 -14.47 1.56 31.86
N PRO D 182 -15.53 0.84 31.48
CA PRO D 182 -15.90 0.74 30.06
C PRO D 182 -16.64 1.99 29.58
N TYR D 183 -16.23 2.50 28.42
CA TYR D 183 -16.87 3.65 27.80
C TYR D 183 -17.32 3.27 26.40
N GLU D 184 -18.56 3.63 26.05
CA GLU D 184 -18.98 3.59 24.66
C GLU D 184 -18.33 4.76 23.92
N VAL D 185 -17.77 4.48 22.75
CA VAL D 185 -16.99 5.47 22.01
C VAL D 185 -17.39 5.41 20.55
N LYS D 186 -17.49 6.58 19.91
CA LYS D 186 -17.70 6.64 18.47
C LYS D 186 -17.05 7.93 17.96
N VAL D 187 -16.63 7.91 16.70
CA VAL D 187 -15.94 9.05 16.09
C VAL D 187 -16.66 9.40 14.79
N GLY D 188 -17.05 10.67 14.66
CA GLY D 188 -17.75 11.15 13.49
C GLY D 188 -16.87 12.05 12.64
N VAL D 189 -17.42 12.46 11.49
CA VAL D 189 -16.69 13.30 10.56
C VAL D 189 -17.59 14.44 10.08
N TYR D 190 -16.94 15.52 9.61
CA TYR D 190 -17.63 16.66 9.01
C TYR D 190 -16.65 17.34 8.06
N ASN D 191 -17.18 18.19 7.18
CA ASN D 191 -16.34 19.06 6.37
C ASN D 191 -17.10 20.37 6.13
N ASN D 192 -16.57 21.20 5.23
CA ASN D 192 -17.22 22.50 4.99
C ASN D 192 -18.62 22.36 4.42
N LYS D 193 -18.97 21.22 3.83
CA LYS D 193 -20.33 21.04 3.33
C LYS D 193 -21.32 20.66 4.42
N GLY D 194 -20.86 20.06 5.51
CA GLY D 194 -21.75 19.74 6.61
C GLY D 194 -21.27 18.50 7.35
N GLU D 195 -22.18 17.95 8.15
CA GLU D 195 -21.86 16.87 9.06
C GLU D 195 -22.05 15.51 8.36
N GLY D 196 -21.08 14.63 8.54
CA GLY D 196 -21.23 13.24 8.16
C GLY D 196 -21.82 12.42 9.28
N SER D 197 -21.55 11.11 9.23
CA SER D 197 -22.07 10.14 10.19
C SER D 197 -21.01 9.80 11.24
N PHE D 198 -21.44 9.09 12.28
CA PHE D 198 -20.55 8.52 13.27
C PHE D 198 -20.19 7.09 12.89
N SER D 199 -19.01 6.66 13.33
CA SER D 199 -18.62 5.27 13.24
C SER D 199 -19.56 4.43 14.12
N PRO D 200 -19.57 3.11 13.93
CA PRO D 200 -20.24 2.25 14.91
C PRO D 200 -19.65 2.44 16.29
N VAL D 201 -20.48 2.22 17.31
CA VAL D 201 -20.03 2.35 18.68
C VAL D 201 -19.12 1.18 19.03
N THR D 202 -18.02 1.47 19.72
CA THR D 202 -17.13 0.46 20.29
C THR D 202 -16.89 0.80 21.75
N VAL D 203 -16.33 -0.17 22.49
CA VAL D 203 -16.07 -0.03 23.91
C VAL D 203 -14.58 0.18 24.14
N VAL D 204 -14.24 1.21 24.91
CA VAL D 204 -12.86 1.54 25.27
C VAL D 204 -12.80 1.71 26.78
N TYR D 205 -11.74 1.19 27.39
CA TYR D 205 -11.56 1.28 28.84
C TYR D 205 -10.67 2.45 29.21
N SER D 206 -11.05 3.17 30.27
CA SER D 206 -10.22 4.25 30.79
C SER D 206 -8.90 3.69 31.32
N ALA D 207 -7.97 4.60 31.57
CA ALA D 207 -6.64 4.18 32.00
C ALA D 207 -6.69 3.56 33.39
N GLU D 208 -5.66 2.78 33.69
CA GLU D 208 -5.54 2.13 34.97
C GLU D 208 -4.27 2.62 35.67
N GLU D 209 -4.34 2.67 36.99
CA GLU D 209 -3.17 2.91 37.82
C GLU D 209 -2.81 1.61 38.53
N GLU D 210 -1.51 1.39 38.72
CA GLU D 210 -1.06 0.17 39.37
C GLU D 210 -1.57 0.14 40.82
N PRO D 211 -1.75 -1.05 41.40
CA PRO D 211 -2.22 -1.13 42.78
C PRO D 211 -1.33 -0.34 43.72
N THR D 212 -1.92 0.16 44.80
CA THR D 212 -1.20 0.99 45.75
C THR D 212 -0.98 0.31 47.09
N ARG D 213 -1.51 -0.90 47.28
CA ARG D 213 -1.40 -1.61 48.55
C ARG D 213 -0.74 -2.97 48.35
N ALA D 214 -0.03 -3.42 49.39
CA ALA D 214 0.68 -4.69 49.37
C ALA D 214 -0.20 -5.80 49.91
N PRO D 215 -0.01 -7.03 49.43
CA PRO D 215 -0.69 -8.17 50.05
C PRO D 215 -0.29 -8.29 51.51
N ILE D 216 -1.17 -8.90 52.30
CA ILE D 216 -0.99 -8.99 53.75
C ILE D 216 -0.99 -10.46 54.17
N THR D 217 -0.45 -10.70 55.37
CA THR D 217 -0.39 -12.02 55.99
C THR D 217 0.14 -13.07 55.02
N VAL D 218 1.35 -12.83 54.54
CA VAL D 218 2.02 -13.75 53.63
C VAL D 218 2.55 -14.94 54.41
N LEU D 219 2.21 -16.15 53.97
CA LEU D 219 2.67 -17.39 54.59
C LEU D 219 3.25 -18.31 53.52
N ALA D 220 4.34 -19.00 53.87
CA ALA D 220 4.98 -19.87 52.91
C ALA D 220 5.64 -21.04 53.63
N ARG D 221 5.71 -22.18 52.95
CA ARG D 221 6.36 -23.37 53.48
C ARG D 221 6.83 -24.20 52.32
N SER D 222 7.83 -25.04 52.59
CA SER D 222 8.36 -25.92 51.56
C SER D 222 7.52 -27.19 51.49
N LEU D 223 7.28 -27.65 50.28
CA LEU D 223 6.60 -28.93 50.06
C LEU D 223 7.58 -30.07 49.82
N SER D 224 8.76 -29.74 49.31
CA SER D 224 9.77 -30.72 48.97
C SER D 224 11.12 -30.00 48.94
N ALA D 225 12.13 -30.64 48.36
CA ALA D 225 13.42 -29.98 48.15
C ALA D 225 13.35 -28.92 47.07
N THR D 226 12.37 -28.99 46.17
CA THR D 226 12.34 -28.14 44.99
C THR D 226 11.08 -27.29 44.89
N ASP D 227 10.20 -27.31 45.88
CA ASP D 227 8.89 -26.68 45.77
C ASP D 227 8.54 -25.94 47.05
N ILE D 228 8.00 -24.74 46.90
CA ILE D 228 7.54 -23.91 48.00
C ILE D 228 6.10 -23.48 47.70
N GLU D 229 5.23 -23.62 48.70
CA GLU D 229 3.85 -23.14 48.63
C GLU D 229 3.75 -21.83 49.41
N ILE D 230 3.17 -20.80 48.79
CA ILE D 230 3.06 -19.47 49.37
C ILE D 230 1.63 -18.97 49.24
N SER D 231 1.11 -18.36 50.30
CA SER D 231 -0.27 -17.86 50.32
C SER D 231 -0.29 -16.49 51.00
N TRP D 232 -1.42 -15.80 50.83
CA TRP D 232 -1.55 -14.44 51.33
C TRP D 232 -3.03 -14.08 51.40
N ALA D 233 -3.31 -12.87 51.85
CA ALA D 233 -4.65 -12.29 51.88
C ALA D 233 -4.69 -11.04 51.01
N PRO D 234 -5.85 -10.67 50.49
CA PRO D 234 -5.92 -9.49 49.63
C PRO D 234 -5.50 -8.24 50.40
N PRO D 235 -4.94 -7.24 49.70
CA PRO D 235 -4.51 -5.96 50.27
C PRO D 235 -5.62 -5.23 51.06
N ARG D 243 -8.62 -2.13 41.08
CA ARG D 243 -8.62 -3.44 40.43
C ARG D 243 -7.29 -4.18 40.62
N ILE D 244 -7.37 -5.49 40.79
CA ILE D 244 -6.21 -6.36 40.94
C ILE D 244 -6.40 -7.56 40.01
N GLN D 245 -5.62 -7.62 38.92
CA GLN D 245 -5.75 -8.73 38.00
C GLN D 245 -5.18 -10.02 38.58
N GLY D 246 -4.24 -9.91 39.52
CA GLY D 246 -3.61 -11.08 40.09
C GLY D 246 -2.42 -10.66 40.93
N TYR D 247 -1.49 -11.59 41.11
CA TYR D 247 -0.33 -11.35 41.96
C TYR D 247 0.93 -11.85 41.29
N GLU D 248 2.04 -11.18 41.58
CA GLU D 248 3.37 -11.59 41.15
C GLU D 248 4.13 -12.07 42.38
N VAL D 249 4.48 -13.36 42.39
CA VAL D 249 5.31 -13.96 43.44
C VAL D 249 6.74 -14.01 42.95
N ARG D 250 7.66 -13.42 43.69
CA ARG D 250 9.07 -13.50 43.35
C ARG D 250 9.83 -14.24 44.44
N CYS D 251 10.88 -14.92 44.03
CA CYS D 251 11.58 -15.85 44.92
C CYS D 251 13.05 -15.86 44.53
N TRP D 252 13.93 -15.62 45.50
CA TRP D 252 15.36 -15.63 45.26
C TRP D 252 16.07 -16.32 46.41
N ARG D 253 17.11 -17.08 46.08
CA ARG D 253 17.92 -17.75 47.08
C ARG D 253 18.69 -16.73 47.90
N HIS D 254 19.07 -17.12 49.12
CA HIS D 254 19.74 -16.18 50.03
C HIS D 254 21.08 -15.71 49.47
N ASP D 255 21.78 -16.57 48.73
CA ASP D 255 23.04 -16.19 48.11
C ASP D 255 22.86 -15.60 46.72
N GLU D 256 21.64 -15.27 46.33
CA GLU D 256 21.34 -14.56 45.10
C GLU D 256 20.98 -13.12 45.39
N LYS D 257 21.17 -12.26 44.39
CA LYS D 257 20.71 -10.88 44.49
C LYS D 257 19.23 -10.81 44.16
N GLU D 258 18.51 -9.94 44.88
CA GLU D 258 17.05 -9.89 44.76
C GLU D 258 16.60 -9.58 43.34
N GLU D 259 17.39 -8.81 42.59
CA GLU D 259 17.01 -8.46 41.23
C GLU D 259 16.98 -9.67 40.31
N ASN D 260 17.60 -10.78 40.70
CA ASN D 260 17.60 -12.00 39.90
C ASN D 260 16.48 -12.96 40.31
N ALA D 261 15.52 -12.50 41.10
CA ALA D 261 14.47 -13.38 41.60
C ALA D 261 13.60 -13.87 40.46
N ARG D 262 13.27 -15.17 40.49
CA ARG D 262 12.35 -15.74 39.53
C ARG D 262 10.92 -15.36 39.91
N LYS D 263 10.14 -14.94 38.91
CA LYS D 263 8.79 -14.42 39.13
C LYS D 263 7.77 -15.33 38.47
N ILE D 264 6.62 -15.47 39.13
CA ILE D 264 5.44 -16.09 38.54
C ILE D 264 4.24 -15.20 38.84
N ARG D 265 3.23 -15.29 37.98
CA ARG D 265 2.04 -14.47 38.12
C ARG D 265 0.80 -15.34 38.19
N THR D 266 -0.03 -15.09 39.20
CA THR D 266 -1.35 -15.71 39.25
C THR D 266 -2.35 -14.88 38.46
N VAL D 267 -3.46 -15.51 38.10
CA VAL D 267 -4.56 -14.84 37.40
C VAL D 267 -5.85 -15.27 38.07
N GLY D 268 -6.59 -14.31 38.62
CA GLY D 268 -7.85 -14.58 39.27
C GLY D 268 -7.85 -14.13 40.72
N ASN D 269 -8.87 -14.58 41.46
CA ASN D 269 -9.02 -14.28 42.87
C ASN D 269 -8.22 -15.22 43.77
N GLN D 270 -7.28 -15.98 43.21
CA GLN D 270 -6.47 -16.88 44.01
C GLN D 270 -5.52 -16.10 44.91
N THR D 271 -5.32 -16.61 46.12
CA THR D 271 -4.39 -16.01 47.07
C THR D 271 -3.34 -17.03 47.50
N SER D 272 -2.90 -17.86 46.55
CA SER D 272 -1.81 -18.81 46.81
C SER D 272 -1.18 -19.19 45.48
N ALA D 273 0.01 -19.79 45.56
CA ALA D 273 0.76 -20.21 44.39
C ALA D 273 1.83 -21.19 44.81
N LYS D 274 2.45 -21.82 43.81
CA LYS D 274 3.54 -22.77 44.02
C LYS D 274 4.75 -22.32 43.23
N VAL D 275 5.91 -22.31 43.89
CA VAL D 275 7.19 -21.98 43.27
C VAL D 275 7.96 -23.29 43.15
N THR D 276 8.37 -23.63 41.93
CA THR D 276 8.98 -24.92 41.64
C THR D 276 10.41 -24.73 41.16
N ASN D 277 11.07 -25.87 40.87
CA ASN D 277 12.42 -25.90 40.31
C ASN D 277 13.44 -25.19 41.21
N LEU D 278 13.36 -25.48 42.51
CA LEU D 278 14.26 -24.89 43.49
C LEU D 278 15.31 -25.92 43.91
N GLN D 279 16.26 -25.46 44.73
CA GLN D 279 17.34 -26.29 45.24
C GLN D 279 16.99 -26.79 46.64
N GLY D 280 17.43 -28.00 46.95
CA GLY D 280 17.12 -28.61 48.23
C GLY D 280 17.96 -28.04 49.37
N ASN D 281 17.38 -28.08 50.57
CA ASN D 281 18.06 -27.67 51.80
C ASN D 281 18.71 -26.29 51.64
N ALA D 282 17.93 -25.35 51.10
CA ALA D 282 18.42 -24.01 50.79
C ALA D 282 17.43 -22.97 51.30
N LEU D 283 17.97 -21.89 51.86
CA LEU D 283 17.17 -20.78 52.34
C LEU D 283 16.76 -19.89 51.17
N TYR D 284 15.46 -19.59 51.09
CA TYR D 284 14.90 -18.75 50.04
C TYR D 284 14.14 -17.58 50.67
N HIS D 285 14.08 -16.47 49.93
CA HIS D 285 13.26 -15.33 50.27
C HIS D 285 12.17 -15.17 49.21
N LEU D 286 10.95 -14.89 49.67
CA LEU D 286 9.81 -14.70 48.77
C LEU D 286 9.05 -13.46 49.18
N ALA D 287 8.44 -12.82 48.19
CA ALA D 287 7.56 -11.67 48.43
C ALA D 287 6.52 -11.63 47.32
N VAL D 288 5.46 -10.86 47.55
CA VAL D 288 4.30 -10.86 46.66
C VAL D 288 3.88 -9.42 46.38
N LYS D 289 3.53 -9.14 45.13
CA LYS D 289 2.96 -7.87 44.71
C LYS D 289 1.64 -8.13 43.98
N ALA D 290 0.67 -7.25 44.17
CA ALA D 290 -0.49 -7.24 43.30
C ALA D 290 -0.11 -6.54 41.98
N TYR D 291 -0.84 -6.89 40.92
CA TYR D 291 -0.60 -6.27 39.62
C TYR D 291 -1.91 -6.06 38.87
N ASN D 292 -1.87 -5.14 37.92
CA ASN D 292 -2.88 -5.01 36.88
C ASN D 292 -2.17 -4.59 35.61
N THR D 293 -2.93 -4.05 34.64
CA THR D 293 -2.33 -3.66 33.36
C THR D 293 -1.30 -2.54 33.53
N ALA D 294 -1.47 -1.70 34.55
CA ALA D 294 -0.56 -0.57 34.74
C ALA D 294 0.77 -0.96 35.38
N GLY D 295 0.86 -2.14 35.98
CA GLY D 295 2.10 -2.60 36.57
C GLY D 295 1.85 -3.26 37.91
N THR D 296 2.90 -3.33 38.72
CA THR D 296 2.83 -3.97 40.03
C THR D 296 2.81 -2.90 41.12
N GLY D 297 2.12 -3.22 42.22
CA GLY D 297 2.07 -2.35 43.36
C GLY D 297 3.20 -2.63 44.33
N PRO D 298 3.12 -2.04 45.53
CA PRO D 298 4.19 -2.25 46.51
C PRO D 298 4.29 -3.70 46.96
N SER D 299 5.51 -4.13 47.22
CA SER D 299 5.76 -5.51 47.62
C SER D 299 5.34 -5.76 49.06
N SER D 300 4.92 -7.01 49.32
CA SER D 300 4.76 -7.46 50.69
C SER D 300 6.11 -7.51 51.38
N ALA D 301 6.07 -7.60 52.70
CA ALA D 301 7.26 -8.01 53.44
C ALA D 301 7.68 -9.41 52.97
N MET D 302 8.99 -9.66 53.00
CA MET D 302 9.47 -10.96 52.53
C MET D 302 9.33 -12.02 53.62
N VAL D 303 9.19 -13.27 53.19
CA VAL D 303 9.20 -14.41 54.08
C VAL D 303 10.39 -15.28 53.72
N ASN D 304 10.87 -16.04 54.71
CA ASN D 304 12.02 -16.92 54.56
C ASN D 304 11.56 -18.37 54.68
N VAL D 305 12.04 -19.22 53.79
CA VAL D 305 11.67 -20.62 53.78
C VAL D 305 12.90 -21.42 53.40
N THR D 306 13.16 -22.49 54.14
CA THR D 306 14.22 -23.43 53.81
C THR D 306 13.61 -24.67 53.18
N THR D 307 14.08 -25.04 51.99
CA THR D 307 13.60 -26.25 51.34
C THR D 307 14.02 -27.49 52.12
N LYS D 308 13.26 -28.56 51.96
CA LYS D 308 13.52 -29.81 52.64
C LYS D 308 14.72 -30.52 52.02
N LYS D 309 15.32 -31.44 52.78
CA LYS D 309 16.46 -32.21 52.29
C LYS D 309 15.99 -33.53 51.69
#